data_6UY1
#
_entry.id   6UY1
#
_cell.length_a   76.279
_cell.length_b   76.281
_cell.length_c   98.443
_cell.angle_alpha   90.000
_cell.angle_beta   96.650
_cell.angle_gamma   90.000
#
_symmetry.space_group_name_H-M   'P 1 21 1'
#
loop_
_entity.id
_entity.type
_entity.pdbx_description
1 polymer 'Nuclear protein STH1/NPS1'
2 non-polymer 'MAGNESIUM ION'
3 water water
#
_entity_poly.entity_id   1
_entity_poly.type   'polypeptide(L)'
_entity_poly.pdbx_seq_one_letter_code
;GPH(MSE)GIFPTVEKLVEE(MSE)REQLDEVDSHPRTSIFEKLPSKRDYPDYFKVIEKP(MSE)AIDIILKNCKNGTYK
TLEEVRQALQT(MSE)FENARFYNEEGSWVYVDADKLNEFTDEWFKEHSS
;
_entity_poly.pdbx_strand_id   A,B,C,D,E,F,G,H
#
loop_
_chem_comp.id
_chem_comp.type
_chem_comp.name
_chem_comp.formula
MG non-polymer 'MAGNESIUM ION' 'Mg 2'
#
# COMPACT_ATOMS: atom_id res chain seq x y z
N MSE A 4 -11.61 -50.09 -1.33
CA MSE A 4 -11.39 -48.82 -1.99
C MSE A 4 -10.85 -49.03 -3.41
O MSE A 4 -11.48 -48.62 -4.39
CB MSE A 4 -10.42 -47.95 -1.19
CG MSE A 4 -10.95 -46.56 -0.86
SE MSE A 4 -9.57 -45.35 -0.19
CE MSE A 4 -8.90 -46.43 1.31
HA MSE A 4 -12.24 -48.35 -2.04
HB2 MSE A 4 -10.23 -48.40 -0.35
HB3 MSE A 4 -9.60 -47.84 -1.71
HG2 MSE A 4 -11.33 -46.17 -1.67
HG3 MSE A 4 -11.64 -46.64 -0.18
HE1 MSE A 4 -8.20 -45.94 1.76
HE2 MSE A 4 -9.64 -46.60 1.92
HE3 MSE A 4 -8.56 -47.26 0.96
N GLY A 5 -9.70 -49.67 -3.51
CA GLY A 5 -9.01 -49.86 -4.78
C GLY A 5 -7.57 -49.42 -4.63
N ILE A 6 -6.70 -50.02 -5.46
CA ILE A 6 -5.26 -49.76 -5.33
C ILE A 6 -4.97 -48.28 -5.55
N PHE A 7 -5.60 -47.67 -6.56
CA PHE A 7 -5.27 -46.28 -6.87
C PHE A 7 -5.73 -45.33 -5.77
N PRO A 8 -6.98 -45.32 -5.33
CA PRO A 8 -7.36 -44.40 -4.26
C PRO A 8 -6.56 -44.61 -2.98
N THR A 9 -6.25 -45.86 -2.65
CA THR A 9 -5.42 -46.14 -1.48
C THR A 9 -4.05 -45.48 -1.62
N VAL A 10 -3.38 -45.73 -2.75
CA VAL A 10 -2.06 -45.12 -2.97
C VAL A 10 -2.20 -43.61 -3.13
N GLU A 11 -3.31 -43.16 -3.72
CA GLU A 11 -3.53 -41.72 -3.84
C GLU A 11 -3.57 -41.06 -2.46
N LYS A 12 -4.17 -41.73 -1.48
CA LYS A 12 -4.19 -41.19 -0.13
C LYS A 12 -2.83 -41.29 0.54
N LEU A 13 -2.06 -42.35 0.23
CA LEU A 13 -0.70 -42.44 0.75
C LEU A 13 0.16 -41.28 0.27
N VAL A 14 0.05 -40.93 -1.02
CA VAL A 14 0.86 -39.84 -1.56
C VAL A 14 0.48 -38.52 -0.90
N GLU A 15 -0.81 -38.29 -0.70
CA GLU A 15 -1.23 -37.04 -0.07
C GLU A 15 -0.65 -36.93 1.34
N GLU A 16 -0.55 -38.05 2.05
CA GLU A 16 0.07 -38.01 3.38
C GLU A 16 1.57 -37.80 3.27
N MSE A 17 2.23 -38.46 2.32
CA MSE A 17 3.65 -38.25 2.08
C MSE A 17 3.92 -36.77 1.83
O MSE A 17 4.84 -36.19 2.40
CB MSE A 17 4.12 -39.09 0.89
CG MSE A 17 4.14 -40.59 1.13
SE MSE A 17 4.50 -41.63 -0.48
CE MSE A 17 6.33 -41.04 -0.81
H MSE A 17 1.86 -39.04 1.80
HA MSE A 17 4.14 -38.55 2.86
HB2 MSE A 17 3.54 -38.92 0.14
HB3 MSE A 17 5.03 -38.83 0.66
HG2 MSE A 17 4.83 -40.79 1.79
HG3 MSE A 17 3.26 -40.87 1.48
HE1 MSE A 17 6.67 -41.48 -1.61
HE2 MSE A 17 6.33 -40.08 -0.94
HE3 MSE A 17 6.89 -41.27 -0.05
N ARG A 18 3.10 -36.16 0.96
CA ARG A 18 3.28 -34.76 0.62
C ARG A 18 3.08 -33.83 1.81
N GLU A 19 2.44 -34.32 2.88
CA GLU A 19 2.24 -33.53 4.08
C GLU A 19 3.39 -33.66 5.08
N GLN A 20 4.38 -34.49 4.78
CA GLN A 20 5.57 -34.61 5.64
C GLN A 20 6.52 -33.47 5.29
N LEU A 21 6.69 -32.55 6.22
CA LEU A 21 7.47 -31.33 5.99
C LEU A 21 8.82 -31.42 6.70
N ASP A 22 9.82 -30.81 6.08
CA ASP A 22 11.13 -30.70 6.71
C ASP A 22 11.05 -29.76 7.91
N GLU A 23 11.81 -30.09 8.96
CA GLU A 23 11.74 -29.32 10.20
C GLU A 23 12.43 -27.96 10.08
N VAL A 24 13.33 -27.78 9.12
CA VAL A 24 14.12 -26.55 9.02
C VAL A 24 13.36 -25.47 8.24
N ASP A 25 12.87 -25.80 7.05
CA ASP A 25 12.26 -24.81 6.16
C ASP A 25 10.88 -25.20 5.69
N SER A 26 10.32 -26.30 6.20
CA SER A 26 8.95 -26.74 5.92
C SER A 26 8.73 -27.18 4.48
N HIS A 27 9.79 -27.36 3.70
CA HIS A 27 9.60 -27.84 2.33
C HIS A 27 9.13 -29.30 2.38
N PRO A 28 8.16 -29.68 1.55
CA PRO A 28 7.66 -31.06 1.59
C PRO A 28 8.77 -32.06 1.25
N ARG A 29 8.87 -33.10 2.07
CA ARG A 29 9.90 -34.13 1.85
C ARG A 29 9.75 -34.80 0.50
N THR A 30 8.57 -34.75 -0.11
CA THR A 30 8.33 -35.31 -1.42
C THR A 30 8.79 -34.40 -2.56
N SER A 31 9.37 -33.23 -2.24
CA SER A 31 9.66 -32.23 -3.26
C SER A 31 10.48 -32.81 -4.40
N ILE A 32 11.59 -33.48 -4.07
CA ILE A 32 12.52 -33.97 -5.09
C ILE A 32 12.11 -35.31 -5.68
N PHE A 33 11.05 -35.93 -5.16
CA PHE A 33 10.60 -37.23 -5.64
C PHE A 33 9.36 -37.14 -6.52
N GLU A 34 8.86 -35.93 -6.80
CA GLU A 34 7.62 -35.80 -7.57
C GLU A 34 7.80 -36.33 -9.00
N LYS A 35 8.91 -36.00 -9.64
CA LYS A 35 9.10 -36.34 -11.05
C LYS A 35 10.57 -36.62 -11.29
N LEU A 36 10.84 -37.42 -12.32
CA LEU A 36 12.22 -37.72 -12.70
C LEU A 36 12.84 -36.54 -13.43
N PRO A 37 14.16 -36.42 -13.39
CA PRO A 37 14.81 -35.37 -14.19
C PRO A 37 14.58 -35.61 -15.67
N SER A 38 14.60 -34.53 -16.44
CA SER A 38 14.58 -34.64 -17.89
C SER A 38 15.90 -35.21 -18.37
N LYS A 39 15.83 -36.26 -19.19
CA LYS A 39 17.04 -36.99 -19.56
C LYS A 39 18.00 -36.10 -20.34
N ARG A 40 17.48 -35.24 -21.22
CA ARG A 40 18.36 -34.41 -22.04
C ARG A 40 19.20 -33.48 -21.18
N ASP A 41 18.61 -32.94 -20.10
CA ASP A 41 19.35 -32.06 -19.20
C ASP A 41 20.16 -32.82 -18.16
N TYR A 42 19.78 -34.06 -17.86
CA TYR A 42 20.44 -34.84 -16.80
C TYR A 42 20.75 -36.25 -17.31
N PRO A 43 21.58 -36.35 -18.36
CA PRO A 43 21.87 -37.67 -18.91
C PRO A 43 22.68 -38.56 -17.98
N ASP A 44 23.50 -37.96 -17.10
CA ASP A 44 24.31 -38.77 -16.20
C ASP A 44 23.45 -39.51 -15.19
N TYR A 45 22.37 -38.88 -14.72
CA TYR A 45 21.50 -39.53 -13.74
C TYR A 45 21.02 -40.88 -14.26
N PHE A 46 20.55 -40.91 -15.51
CA PHE A 46 20.04 -42.14 -16.07
C PHE A 46 21.13 -43.13 -16.47
N LYS A 47 22.40 -42.70 -16.44
CA LYS A 47 23.50 -43.65 -16.57
C LYS A 47 23.83 -44.29 -15.23
N VAL A 48 23.59 -43.58 -14.13
CA VAL A 48 23.85 -44.12 -12.80
C VAL A 48 22.70 -45.01 -12.35
N ILE A 49 21.48 -44.51 -12.46
CA ILE A 49 20.30 -45.16 -11.90
C ILE A 49 19.72 -46.08 -12.97
N GLU A 50 19.80 -47.39 -12.74
CA GLU A 50 19.33 -48.37 -13.72
C GLU A 50 17.82 -48.48 -13.77
N LYS A 51 17.12 -48.19 -12.67
CA LYS A 51 15.67 -48.33 -12.59
C LYS A 51 15.08 -47.08 -11.97
N PRO A 52 15.01 -45.98 -12.74
CA PRO A 52 14.48 -44.74 -12.18
C PRO A 52 13.04 -44.89 -11.73
N MSE A 53 12.68 -44.12 -10.70
CA MSE A 53 11.34 -44.18 -10.13
C MSE A 53 10.98 -42.84 -9.48
O MSE A 53 11.84 -42.17 -8.90
CB MSE A 53 11.25 -45.31 -9.10
CG MSE A 53 9.87 -45.49 -8.49
SE MSE A 53 8.48 -45.90 -9.79
CE MSE A 53 9.38 -47.34 -10.76
H MSE A 53 13.20 -43.55 -10.31
HA MSE A 53 10.70 -44.37 -10.83
HB2 MSE A 53 11.48 -46.14 -9.54
HB3 MSE A 53 11.86 -45.12 -8.38
HG2 MSE A 53 9.91 -46.24 -7.85
HG3 MSE A 53 9.62 -44.67 -8.03
HE1 MSE A 53 8.77 -47.72 -11.40
HE2 MSE A 53 10.16 -46.98 -11.21
HE3 MSE A 53 9.66 -48.03 -10.12
N ALA A 54 9.71 -42.46 -9.58
CA ALA A 54 9.24 -41.20 -9.03
C ALA A 54 7.77 -41.33 -8.69
N ILE A 55 7.28 -40.39 -7.88
CA ILE A 55 5.91 -40.45 -7.39
C ILE A 55 4.91 -40.47 -8.55
N ASP A 56 5.12 -39.61 -9.54
CA ASP A 56 4.16 -39.54 -10.64
C ASP A 56 4.07 -40.86 -11.40
N ILE A 57 5.18 -41.61 -11.47
CA ILE A 57 5.16 -42.90 -12.14
C ILE A 57 4.41 -43.92 -11.29
N ILE A 58 4.57 -43.84 -9.97
CA ILE A 58 3.87 -44.79 -9.09
C ILE A 58 2.36 -44.62 -9.21
N LEU A 59 1.89 -43.38 -9.10
CA LEU A 59 0.46 -43.12 -9.26
C LEU A 59 -0.04 -43.58 -10.63
N LYS A 60 0.74 -43.30 -11.68
CA LYS A 60 0.37 -43.71 -13.03
C LYS A 60 0.29 -45.23 -13.13
N ASN A 61 1.22 -45.93 -12.49
CA ASN A 61 1.23 -47.40 -12.57
C ASN A 61 0.11 -48.03 -11.75
N CYS A 62 -0.35 -47.34 -10.70
CA CYS A 62 -1.53 -47.80 -9.98
C CYS A 62 -2.82 -47.51 -10.73
N LYS A 63 -2.76 -46.73 -11.82
CA LYS A 63 -3.93 -46.37 -12.60
C LYS A 63 -4.05 -47.15 -13.90
N ASN A 64 -2.98 -47.83 -14.34
CA ASN A 64 -2.99 -48.56 -15.60
C ASN A 64 -2.85 -50.07 -15.40
N GLY A 65 -2.87 -50.55 -14.16
CA GLY A 65 -2.78 -51.97 -13.89
C GLY A 65 -1.37 -52.51 -13.69
N THR A 66 -0.35 -51.68 -13.85
CA THR A 66 1.02 -52.14 -13.66
C THR A 66 1.25 -52.55 -12.21
N TYR A 67 0.85 -51.70 -11.26
CA TYR A 67 0.88 -52.04 -9.85
C TYR A 67 -0.54 -52.37 -9.39
N LYS A 68 -0.72 -53.55 -8.79
CA LYS A 68 -2.02 -53.99 -8.33
C LYS A 68 -2.10 -54.20 -6.83
N THR A 69 -0.98 -54.40 -6.14
CA THR A 69 -0.96 -54.59 -4.70
C THR A 69 -0.10 -53.53 -4.05
N LEU A 70 -0.25 -53.40 -2.72
CA LEU A 70 0.59 -52.47 -1.98
C LEU A 70 2.03 -52.96 -1.88
N GLU A 71 2.24 -54.28 -1.98
CA GLU A 71 3.60 -54.81 -1.95
C GLU A 71 4.41 -54.30 -3.13
N GLU A 72 3.82 -54.30 -4.33
CA GLU A 72 4.50 -53.73 -5.48
C GLU A 72 4.75 -52.25 -5.32
N VAL A 73 3.82 -51.54 -4.65
CA VAL A 73 4.00 -50.11 -4.43
C VAL A 73 5.10 -49.87 -3.41
N ARG A 74 5.17 -50.70 -2.36
CA ARG A 74 6.25 -50.56 -1.40
C ARG A 74 7.60 -50.84 -2.03
N GLN A 75 7.65 -51.85 -2.91
CA GLN A 75 8.91 -52.14 -3.61
C GLN A 75 9.31 -50.99 -4.51
N ALA A 76 8.32 -50.33 -5.13
CA ALA A 76 8.62 -49.19 -5.99
C ALA A 76 9.17 -48.03 -5.15
N LEU A 77 8.51 -47.71 -4.03
CA LEU A 77 9.01 -46.66 -3.16
C LEU A 77 10.41 -46.97 -2.67
N GLN A 78 10.68 -48.24 -2.34
CA GLN A 78 11.99 -48.60 -1.84
C GLN A 78 13.06 -48.39 -2.91
N THR A 79 12.78 -48.82 -4.14
CA THR A 79 13.70 -48.52 -5.24
C THR A 79 13.93 -47.03 -5.37
N MSE A 80 12.89 -46.23 -5.21
CA MSE A 80 12.98 -44.78 -5.31
C MSE A 80 13.92 -44.23 -4.24
O MSE A 80 14.80 -43.42 -4.53
CB MSE A 80 11.60 -44.16 -5.16
CG MSE A 80 11.52 -42.69 -5.56
SE MSE A 80 9.73 -41.97 -5.31
CE MSE A 80 9.66 -42.01 -3.36
H MSE A 80 12.09 -46.52 -5.04
HA MSE A 80 13.33 -44.54 -6.18
HB2 MSE A 80 10.97 -44.64 -5.73
HB3 MSE A 80 11.32 -44.22 -4.23
HG2 MSE A 80 12.14 -42.18 -5.01
HG3 MSE A 80 11.76 -42.61 -6.50
HE1 MSE A 80 8.81 -41.65 -3.06
HE2 MSE A 80 9.75 -42.93 -3.05
HE3 MSE A 80 10.40 -41.48 -3.00
N PHE A 81 13.73 -44.67 -3.00
CA PHE A 81 14.59 -44.21 -1.91
C PHE A 81 16.01 -44.73 -2.07
N GLU A 82 16.17 -45.96 -2.57
CA GLU A 82 17.51 -46.50 -2.80
C GLU A 82 18.25 -45.69 -3.85
N ASN A 83 17.56 -45.31 -4.93
CA ASN A 83 18.20 -44.52 -5.97
C ASN A 83 18.69 -43.19 -5.41
N ALA A 84 17.86 -42.52 -4.61
CA ALA A 84 18.25 -41.23 -4.05
C ALA A 84 19.46 -41.39 -3.12
N ARG A 85 19.42 -42.37 -2.22
CA ARG A 85 20.55 -42.58 -1.33
C ARG A 85 21.81 -42.96 -2.08
N PHE A 86 21.66 -43.59 -3.26
CA PHE A 86 22.83 -43.99 -4.03
C PHE A 86 23.43 -42.81 -4.80
N TYR A 87 22.57 -41.98 -5.41
CA TYR A 87 23.06 -40.90 -6.25
C TYR A 87 23.50 -39.68 -5.46
N ASN A 88 22.82 -39.38 -4.35
CA ASN A 88 23.07 -38.16 -3.58
C ASN A 88 24.00 -38.43 -2.41
N GLU A 89 24.87 -37.46 -2.13
CA GLU A 89 25.84 -37.60 -1.04
C GLU A 89 25.13 -37.78 0.29
N GLU A 90 25.70 -38.65 1.13
CA GLU A 90 25.18 -38.81 2.48
C GLU A 90 25.27 -37.49 3.24
N GLY A 91 24.18 -37.14 3.92
CA GLY A 91 24.11 -35.89 4.65
C GLY A 91 23.49 -34.74 3.86
N SER A 92 23.49 -34.82 2.53
CA SER A 92 22.84 -33.79 1.73
C SER A 92 21.33 -33.84 1.98
N TRP A 93 20.67 -32.71 1.71
CA TRP A 93 19.26 -32.59 2.07
C TRP A 93 18.38 -33.57 1.28
N VAL A 94 18.78 -33.92 0.05
CA VAL A 94 18.05 -34.94 -0.69
C VAL A 94 18.18 -36.29 0.00
N TYR A 95 19.41 -36.65 0.38
CA TYR A 95 19.63 -37.89 1.12
C TYR A 95 18.82 -37.92 2.40
N VAL A 96 18.76 -36.79 3.12
CA VAL A 96 18.01 -36.72 4.37
C VAL A 96 16.51 -36.88 4.10
N ASP A 97 16.00 -36.17 3.09
CA ASP A 97 14.58 -36.31 2.75
C ASP A 97 14.23 -37.76 2.45
N ALA A 98 15.11 -38.46 1.74
CA ALA A 98 14.84 -39.86 1.38
C ALA A 98 14.72 -40.72 2.64
N ASP A 99 15.65 -40.56 3.58
CA ASP A 99 15.61 -41.36 4.80
C ASP A 99 14.36 -41.05 5.62
N LYS A 100 14.11 -39.77 5.88
CA LYS A 100 12.98 -39.39 6.73
C LYS A 100 11.66 -39.78 6.07
N LEU A 101 11.57 -39.67 4.76
CA LEU A 101 10.34 -40.08 4.07
C LEU A 101 10.22 -41.60 3.99
N ASN A 102 11.35 -42.29 3.85
CA ASN A 102 11.33 -43.75 3.84
C ASN A 102 10.89 -44.29 5.21
N GLU A 103 11.24 -43.61 6.29
CA GLU A 103 10.77 -44.02 7.60
C GLU A 103 9.26 -43.83 7.73
N PHE A 104 8.72 -42.77 7.12
CA PHE A 104 7.28 -42.56 7.16
C PHE A 104 6.53 -43.64 6.39
N THR A 105 7.00 -43.97 5.18
CA THR A 105 6.31 -44.98 4.39
C THR A 105 6.40 -46.35 5.04
N ASP A 106 7.55 -46.68 5.63
CA ASP A 106 7.66 -47.92 6.39
C ASP A 106 6.57 -47.99 7.46
N GLU A 107 6.44 -46.93 8.24
CA GLU A 107 5.42 -46.91 9.29
C GLU A 107 4.02 -46.97 8.69
N TRP A 108 3.82 -46.33 7.54
CA TRP A 108 2.50 -46.31 6.92
C TRP A 108 2.09 -47.71 6.48
N PHE A 109 3.02 -48.50 5.96
CA PHE A 109 2.69 -49.85 5.53
C PHE A 109 2.43 -50.77 6.73
N LYS A 110 3.01 -50.47 7.89
CA LYS A 110 2.72 -51.26 9.08
C LYS A 110 1.34 -50.93 9.62
N GLU A 111 1.01 -49.64 9.71
CA GLU A 111 -0.28 -49.25 10.27
C GLU A 111 -1.44 -49.65 9.35
N HIS A 112 -1.18 -49.79 8.05
CA HIS A 112 -2.22 -50.17 7.10
C HIS A 112 -2.55 -51.65 7.28
N SER A 113 -3.71 -51.93 7.89
CA SER A 113 -4.13 -53.30 8.13
C SER A 113 -5.66 -53.39 8.21
N MSE B 4 2.52 -6.70 10.69
CA MSE B 4 2.48 -7.43 9.42
C MSE B 4 3.63 -6.98 8.53
O MSE B 4 3.42 -6.36 7.48
CB MSE B 4 1.13 -7.21 8.73
CG MSE B 4 0.91 -8.09 7.50
SE MSE B 4 0.82 -9.99 7.92
CE MSE B 4 0.35 -10.66 6.15
HA MSE B 4 2.57 -8.37 9.59
HB2 MSE B 4 0.43 -7.41 9.35
HB3 MSE B 4 1.08 -6.29 8.43
HG2 MSE B 4 0.08 -7.83 7.07
HG3 MSE B 4 1.65 -7.95 6.88
HE1 MSE B 4 0.36 -11.64 6.16
HE2 MSE B 4 -0.53 -10.34 5.91
HE3 MSE B 4 1.00 -10.34 5.49
N GLY B 5 4.85 -7.30 8.94
CA GLY B 5 6.02 -6.91 8.19
C GLY B 5 6.17 -7.70 6.90
N ILE B 6 7.34 -7.53 6.27
CA ILE B 6 7.60 -8.19 5.00
C ILE B 6 7.59 -9.70 5.18
N PHE B 7 8.19 -10.20 6.27
CA PHE B 7 8.32 -11.64 6.44
C PHE B 7 6.97 -12.34 6.56
N PRO B 8 6.07 -11.97 7.47
CA PRO B 8 4.78 -12.66 7.54
C PRO B 8 3.97 -12.57 6.26
N THR B 9 4.13 -11.48 5.49
CA THR B 9 3.44 -11.39 4.21
C THR B 9 4.02 -12.37 3.21
N VAL B 10 5.35 -12.48 3.15
CA VAL B 10 5.97 -13.38 2.18
C VAL B 10 5.75 -14.83 2.59
N GLU B 11 5.65 -15.11 3.90
CA GLU B 11 5.28 -16.45 4.33
C GLU B 11 3.94 -16.86 3.72
N LYS B 12 2.94 -15.98 3.80
CA LYS B 12 1.64 -16.28 3.22
C LYS B 12 1.73 -16.45 1.72
N LEU B 13 2.57 -15.66 1.06
CA LEU B 13 2.78 -15.81 -0.38
C LEU B 13 3.33 -17.19 -0.69
N VAL B 14 4.33 -17.64 0.06
CA VAL B 14 4.94 -18.94 -0.20
C VAL B 14 3.92 -20.06 -0.03
N GLU B 15 3.08 -19.97 1.00
CA GLU B 15 2.08 -21.01 1.21
C GLU B 15 1.07 -21.06 0.07
N GLU B 16 0.77 -19.90 -0.52
CA GLU B 16 -0.10 -19.90 -1.70
C GLU B 16 0.63 -20.50 -2.90
N MSE B 17 1.89 -20.15 -3.10
CA MSE B 17 2.68 -20.70 -4.18
C MSE B 17 2.71 -22.23 -4.09
O MSE B 17 2.57 -22.92 -5.11
CB MSE B 17 4.11 -20.16 -4.14
CG MSE B 17 4.23 -18.69 -4.48
SE MSE B 17 6.02 -17.99 -4.17
CE MSE B 17 7.00 -19.15 -5.40
H MSE B 17 2.32 -19.58 -2.61
HA MSE B 17 2.29 -20.44 -5.03
HB2 MSE B 17 4.46 -20.28 -3.25
HB3 MSE B 17 4.66 -20.65 -4.78
HG2 MSE B 17 4.01 -18.56 -5.42
HG3 MSE B 17 3.61 -18.18 -3.91
HE1 MSE B 17 7.94 -18.90 -5.39
HE2 MSE B 17 6.90 -20.07 -5.11
HE3 MSE B 17 6.64 -19.05 -6.29
N ARG B 18 2.89 -22.75 -2.89
CA ARG B 18 2.93 -24.19 -2.68
C ARG B 18 1.60 -24.86 -2.97
N GLU B 19 0.50 -24.09 -3.00
CA GLU B 19 -0.82 -24.63 -3.31
C GLU B 19 -1.10 -24.69 -4.81
N GLN B 20 -0.19 -24.19 -5.65
CA GLN B 20 -0.35 -24.26 -7.10
C GLN B 20 0.11 -25.63 -7.58
N LEU B 21 -0.84 -26.44 -8.03
CA LEU B 21 -0.59 -27.84 -8.34
C LEU B 21 -0.69 -28.08 -9.84
N ASP B 22 0.16 -28.97 -10.35
CA ASP B 22 0.05 -29.42 -11.73
C ASP B 22 -1.30 -30.10 -11.94
N GLU B 23 -1.98 -29.73 -13.04
CA GLU B 23 -3.31 -30.25 -13.29
C GLU B 23 -3.33 -31.75 -13.54
N VAL B 24 -2.19 -32.35 -13.87
CA VAL B 24 -2.16 -33.76 -14.26
C VAL B 24 -1.83 -34.64 -13.06
N ASP B 25 -0.66 -34.42 -12.45
CA ASP B 25 -0.18 -35.27 -11.37
C ASP B 25 -0.28 -34.61 -9.99
N SER B 26 -0.72 -33.35 -9.92
CA SER B 26 -0.96 -32.62 -8.69
C SER B 26 0.30 -32.30 -7.91
N HIS B 27 1.48 -32.46 -8.50
CA HIS B 27 2.69 -32.07 -7.80
C HIS B 27 2.75 -30.54 -7.68
N PRO B 28 3.17 -30.00 -6.54
CA PRO B 28 3.25 -28.53 -6.43
C PRO B 28 4.27 -27.97 -7.41
N ARG B 29 3.87 -26.89 -8.09
CA ARG B 29 4.79 -26.24 -9.02
C ARG B 29 6.01 -25.66 -8.29
N THR B 30 5.93 -25.51 -6.97
CA THR B 30 7.06 -25.09 -6.17
C THR B 30 8.07 -26.20 -5.92
N SER B 31 7.77 -27.43 -6.35
CA SER B 31 8.58 -28.58 -5.97
C SER B 31 10.07 -28.34 -6.21
N ILE B 32 10.43 -27.94 -7.43
CA ILE B 32 11.83 -27.84 -7.82
C ILE B 32 12.47 -26.52 -7.42
N PHE B 33 11.71 -25.62 -6.79
CA PHE B 33 12.22 -24.33 -6.36
C PHE B 33 12.40 -24.23 -4.84
N GLU B 34 12.14 -25.31 -4.09
CA GLU B 34 12.21 -25.24 -2.64
C GLU B 34 13.64 -25.00 -2.17
N LYS B 35 14.61 -25.69 -2.74
CA LYS B 35 15.98 -25.62 -2.25
C LYS B 35 16.96 -25.73 -3.42
N LEU B 36 18.13 -25.13 -3.25
CA LEU B 36 19.16 -25.21 -4.27
C LEU B 36 19.79 -26.60 -4.27
N PRO B 37 20.27 -27.06 -5.43
CA PRO B 37 21.01 -28.32 -5.46
C PRO B 37 22.28 -28.25 -4.62
N SER B 38 22.72 -29.41 -4.16
CA SER B 38 23.99 -29.49 -3.44
C SER B 38 25.15 -29.35 -4.42
N LYS B 39 26.05 -28.39 -4.14
CA LYS B 39 27.09 -28.06 -5.11
C LYS B 39 28.00 -29.25 -5.39
N ARG B 40 28.28 -30.06 -4.37
CA ARG B 40 29.19 -31.19 -4.56
C ARG B 40 28.64 -32.18 -5.58
N ASP B 41 27.33 -32.42 -5.55
CA ASP B 41 26.70 -33.32 -6.52
C ASP B 41 26.34 -32.63 -7.83
N TYR B 42 26.17 -31.31 -7.82
CA TYR B 42 25.77 -30.56 -9.01
C TYR B 42 26.69 -29.36 -9.17
N PRO B 43 27.97 -29.60 -9.45
CA PRO B 43 28.90 -28.47 -9.61
C PRO B 43 28.61 -27.65 -10.86
N ASP B 44 28.15 -28.27 -11.94
CA ASP B 44 27.94 -27.56 -13.19
C ASP B 44 26.85 -26.50 -13.06
N TYR B 45 25.81 -26.79 -12.27
CA TYR B 45 24.72 -25.84 -12.11
C TYR B 45 25.23 -24.48 -11.65
N PHE B 46 26.11 -24.48 -10.64
CA PHE B 46 26.63 -23.23 -10.11
C PHE B 46 27.68 -22.60 -11.01
N LYS B 47 28.14 -23.31 -12.04
CA LYS B 47 28.94 -22.66 -13.07
C LYS B 47 28.06 -22.00 -14.13
N VAL B 48 26.84 -22.50 -14.31
CA VAL B 48 25.93 -21.92 -15.28
C VAL B 48 25.19 -20.72 -14.70
N ILE B 49 24.69 -20.86 -13.47
CA ILE B 49 23.86 -19.84 -12.82
C ILE B 49 24.74 -18.97 -11.96
N GLU B 50 24.78 -17.67 -12.27
CA GLU B 50 25.62 -16.75 -11.53
C GLU B 50 25.01 -16.36 -10.17
N LYS B 51 23.69 -16.30 -10.09
CA LYS B 51 23.00 -15.85 -8.87
C LYS B 51 21.90 -16.86 -8.53
N PRO B 52 22.27 -17.99 -7.93
CA PRO B 52 21.25 -18.99 -7.59
C PRO B 52 20.24 -18.44 -6.59
N MSE B 53 19.01 -18.91 -6.70
CA MSE B 53 17.93 -18.47 -5.81
C MSE B 53 16.92 -19.60 -5.60
O MSE B 53 16.65 -20.38 -6.50
CB MSE B 53 17.25 -17.23 -6.38
CG MSE B 53 16.17 -16.65 -5.48
SE MSE B 53 16.84 -16.07 -3.75
CE MSE B 53 18.13 -14.73 -4.36
H MSE B 53 18.76 -19.49 -7.28
HA MSE B 53 18.32 -18.23 -4.96
HB2 MSE B 53 17.90 -16.54 -6.52
HB3 MSE B 53 16.82 -17.47 -7.22
HG2 MSE B 53 15.76 -15.88 -5.92
HG3 MSE B 53 15.49 -17.32 -5.32
HE1 MSE B 53 18.54 -14.31 -3.59
HE2 MSE B 53 18.81 -15.16 -4.90
HE3 MSE B 53 17.66 -14.06 -4.89
N ALA B 54 16.39 -19.66 -4.38
CA ALA B 54 15.41 -20.69 -4.02
C ALA B 54 14.48 -20.13 -2.96
N ILE B 55 13.38 -20.86 -2.73
CA ILE B 55 12.33 -20.37 -1.84
C ILE B 55 12.85 -20.22 -0.41
N ASP B 56 13.63 -21.19 0.06
CA ASP B 56 14.12 -21.10 1.44
C ASP B 56 15.04 -19.89 1.61
N ILE B 57 15.78 -19.52 0.56
CA ILE B 57 16.64 -18.35 0.65
C ILE B 57 15.81 -17.08 0.74
N ILE B 58 14.76 -16.99 -0.09
CA ILE B 58 13.91 -15.79 -0.07
C ILE B 58 13.31 -15.58 1.32
N LEU B 59 12.77 -16.65 1.90
CA LEU B 59 12.20 -16.54 3.24
C LEU B 59 13.24 -16.06 4.24
N LYS B 60 14.44 -16.66 4.21
CA LYS B 60 15.50 -16.26 5.13
C LYS B 60 15.83 -14.78 4.97
N ASN B 61 16.04 -14.33 3.73
CA ASN B 61 16.34 -12.94 3.47
C ASN B 61 15.21 -12.02 3.92
N CYS B 62 13.99 -12.53 4.02
CA CYS B 62 12.88 -11.74 4.56
C CYS B 62 12.86 -11.77 6.08
N LYS B 63 13.21 -12.91 6.68
CA LYS B 63 13.20 -13.01 8.14
C LYS B 63 14.17 -12.02 8.76
N ASN B 64 15.34 -11.85 8.15
CA ASN B 64 16.28 -10.81 8.56
C ASN B 64 16.06 -9.58 7.67
N GLY B 65 17.01 -8.65 7.70
CA GLY B 65 16.85 -7.39 7.03
C GLY B 65 17.27 -7.35 5.58
N THR B 66 17.66 -8.48 4.99
CA THR B 66 18.12 -8.47 3.60
C THR B 66 17.04 -7.93 2.68
N TYR B 67 15.88 -8.58 2.63
CA TYR B 67 14.74 -8.10 1.87
C TYR B 67 13.81 -7.33 2.82
N LYS B 68 13.70 -6.03 2.61
CA LYS B 68 12.83 -5.18 3.42
C LYS B 68 11.63 -4.66 2.64
N THR B 69 11.52 -4.97 1.35
CA THR B 69 10.43 -4.49 0.53
C THR B 69 9.92 -5.62 -0.35
N LEU B 70 8.70 -5.45 -0.84
CA LEU B 70 8.09 -6.46 -1.69
C LEU B 70 8.70 -6.48 -3.09
N GLU B 71 9.22 -5.33 -3.54
N GLU B 71 9.22 -5.33 -3.54
CA GLU B 71 9.87 -5.30 -4.85
CA GLU B 71 9.87 -5.29 -4.85
C GLU B 71 11.12 -6.16 -4.87
C GLU B 71 11.12 -6.14 -4.87
N GLU B 72 11.89 -6.14 -3.78
CA GLU B 72 13.09 -6.98 -3.71
C GLU B 72 12.72 -8.45 -3.73
N VAL B 73 11.60 -8.81 -3.11
CA VAL B 73 11.12 -10.19 -3.16
C VAL B 73 10.71 -10.55 -4.59
N ARG B 74 10.07 -9.63 -5.30
CA ARG B 74 9.69 -9.90 -6.68
C ARG B 74 10.92 -10.10 -7.54
N GLN B 75 11.97 -9.31 -7.32
CA GLN B 75 13.20 -9.46 -8.09
C GLN B 75 13.84 -10.82 -7.82
N ALA B 76 13.87 -11.24 -6.56
CA ALA B 76 14.44 -12.55 -6.24
C ALA B 76 13.67 -13.66 -6.95
N LEU B 77 12.34 -13.63 -6.88
CA LEU B 77 11.54 -14.61 -7.60
C LEU B 77 11.81 -14.57 -9.09
N GLN B 78 11.93 -13.37 -9.65
CA GLN B 78 12.20 -13.26 -11.08
C GLN B 78 13.55 -13.88 -11.42
N THR B 79 14.58 -13.59 -10.62
CA THR B 79 15.87 -14.22 -10.83
C THR B 79 15.76 -15.74 -10.74
N MSE B 80 14.94 -16.23 -9.83
CA MSE B 80 14.74 -17.66 -9.65
C MSE B 80 14.10 -18.27 -10.89
O MSE B 80 14.54 -19.31 -11.39
CB MSE B 80 13.86 -17.92 -8.42
CG MSE B 80 13.74 -19.38 -8.01
SE MSE B 80 12.60 -19.60 -6.44
CE MSE B 80 10.87 -19.24 -7.28
H MSE B 80 14.48 -15.74 -9.27
HA MSE B 80 15.59 -18.09 -9.50
HB2 MSE B 80 14.25 -17.44 -7.67
HB3 MSE B 80 12.97 -17.59 -8.60
HG2 MSE B 80 13.35 -19.88 -8.75
HG3 MSE B 80 14.62 -19.72 -7.80
HE1 MSE B 80 10.18 -19.32 -6.61
HE2 MSE B 80 10.89 -18.34 -7.65
HE3 MSE B 80 10.73 -19.89 -7.99
N PHE B 81 13.07 -17.61 -11.41
CA PHE B 81 12.37 -18.12 -12.58
C PHE B 81 13.25 -18.06 -13.83
N GLU B 82 14.02 -16.98 -13.98
CA GLU B 82 14.87 -16.86 -15.16
C GLU B 82 16.01 -17.87 -15.13
N ASN B 83 16.53 -18.18 -13.95
CA ASN B 83 17.54 -19.24 -13.85
C ASN B 83 16.97 -20.56 -14.35
N ALA B 84 15.75 -20.89 -13.91
CA ALA B 84 15.13 -22.15 -14.32
C ALA B 84 14.88 -22.17 -15.83
N ARG B 85 14.40 -21.06 -16.38
CA ARG B 85 14.16 -21.01 -17.82
C ARG B 85 15.46 -21.02 -18.62
N PHE B 86 16.57 -20.57 -18.03
CA PHE B 86 17.84 -20.60 -18.74
C PHE B 86 18.49 -21.98 -18.68
N TYR B 87 18.48 -22.62 -17.52
CA TYR B 87 19.19 -23.88 -17.35
C TYR B 87 18.40 -25.05 -17.93
N ASN B 88 17.08 -25.03 -17.80
CA ASN B 88 16.25 -26.16 -18.20
C ASN B 88 15.72 -25.97 -19.61
N GLU B 89 15.65 -27.06 -20.36
CA GLU B 89 15.21 -27.02 -21.74
C GLU B 89 13.79 -26.48 -21.82
N GLU B 90 13.52 -25.70 -22.87
CA GLU B 90 12.18 -25.18 -23.09
C GLU B 90 11.21 -26.33 -23.35
N GLY B 91 10.09 -26.31 -22.64
CA GLY B 91 9.10 -27.36 -22.75
C GLY B 91 9.24 -28.48 -21.74
N SER B 92 10.36 -28.57 -21.03
CA SER B 92 10.51 -29.55 -19.98
C SER B 92 9.64 -29.16 -18.78
N TRP B 93 9.30 -30.15 -17.95
CA TRP B 93 8.35 -29.91 -16.88
C TRP B 93 8.88 -28.86 -15.90
N VAL B 94 10.20 -28.76 -15.73
CA VAL B 94 10.76 -27.71 -14.89
C VAL B 94 10.52 -26.35 -15.54
N TYR B 95 10.79 -26.24 -16.84
CA TYR B 95 10.54 -24.99 -17.55
C TYR B 95 9.06 -24.61 -17.48
N VAL B 96 8.17 -25.57 -17.69
CA VAL B 96 6.74 -25.30 -17.64
C VAL B 96 6.34 -24.84 -16.24
N ASP B 97 6.85 -25.52 -15.20
CA ASP B 97 6.54 -25.11 -13.83
C ASP B 97 6.97 -23.67 -13.58
N ALA B 98 8.14 -23.28 -14.09
CA ALA B 98 8.63 -21.92 -13.87
C ALA B 98 7.68 -20.90 -14.49
N ASP B 99 7.20 -21.16 -15.71
CA ASP B 99 6.30 -20.23 -16.36
C ASP B 99 4.99 -20.10 -15.61
N LYS B 100 4.33 -21.22 -15.30
CA LYS B 100 3.03 -21.17 -14.65
C LYS B 100 3.14 -20.60 -13.25
N LEU B 101 4.24 -20.89 -12.54
CA LEU B 101 4.43 -20.29 -11.23
C LEU B 101 4.75 -18.81 -11.34
N ASN B 102 5.53 -18.44 -12.37
CA ASN B 102 5.80 -17.03 -12.62
C ASN B 102 4.51 -16.27 -12.92
N GLU B 103 3.59 -16.91 -13.65
CA GLU B 103 2.29 -16.29 -13.91
C GLU B 103 1.50 -16.07 -12.62
N PHE B 104 1.63 -16.98 -11.66
CA PHE B 104 0.89 -16.85 -10.41
C PHE B 104 1.45 -15.72 -9.56
N THR B 105 2.77 -15.68 -9.40
CA THR B 105 3.37 -14.62 -8.59
C THR B 105 3.13 -13.25 -9.20
N ASP B 106 3.20 -13.14 -10.52
CA ASP B 106 2.88 -11.88 -11.18
C ASP B 106 1.48 -11.42 -10.79
N GLU B 107 0.50 -12.30 -10.93
CA GLU B 107 -0.87 -11.94 -10.56
C GLU B 107 -0.96 -11.61 -9.07
N TRP B 108 -0.21 -12.33 -8.24
CA TRP B 108 -0.22 -12.06 -6.81
C TRP B 108 0.23 -10.64 -6.53
N PHE B 109 1.34 -10.21 -7.15
CA PHE B 109 1.84 -8.85 -6.93
C PHE B 109 0.89 -7.81 -7.50
N LYS B 110 0.20 -8.12 -8.60
CA LYS B 110 -0.73 -7.16 -9.18
C LYS B 110 -1.96 -6.98 -8.31
N GLU B 111 -2.46 -8.08 -7.74
CA GLU B 111 -3.63 -7.99 -6.87
C GLU B 111 -3.28 -7.52 -5.48
N HIS B 112 -2.05 -7.75 -5.02
CA HIS B 112 -1.65 -7.27 -3.70
C HIS B 112 -1.51 -5.76 -3.67
N SER B 113 -1.36 -5.11 -4.82
CA SER B 113 -1.25 -3.65 -4.91
C SER B 113 -2.62 -3.11 -5.30
N SER B 114 -3.47 -2.88 -4.32
CA SER B 114 -4.82 -2.37 -4.55
C SER B 114 -5.59 -3.24 -5.53
N GLY C 5 41.80 30.83 -19.53
CA GLY C 5 42.81 30.62 -18.52
C GLY C 5 42.37 29.63 -17.45
N ILE C 6 41.09 29.67 -17.10
CA ILE C 6 40.55 28.81 -16.05
C ILE C 6 39.38 28.01 -16.62
N PHE C 7 38.69 28.57 -17.62
CA PHE C 7 37.53 27.89 -18.18
C PHE C 7 37.86 26.52 -18.75
N PRO C 8 38.93 26.32 -19.51
CA PRO C 8 39.21 24.97 -20.04
C PRO C 8 39.43 23.95 -18.94
N THR C 9 40.12 24.32 -17.86
CA THR C 9 40.34 23.40 -16.76
C THR C 9 39.02 23.05 -16.07
N VAL C 10 38.23 24.06 -15.73
CA VAL C 10 36.94 23.82 -15.08
C VAL C 10 36.03 23.02 -15.99
N GLU C 11 36.18 23.18 -17.31
CA GLU C 11 35.36 22.42 -18.24
C GLU C 11 35.67 20.92 -18.14
N LYS C 12 36.96 20.57 -18.08
CA LYS C 12 37.33 19.17 -17.89
C LYS C 12 36.86 18.67 -16.54
N LEU C 13 36.94 19.50 -15.51
CA LEU C 13 36.43 19.13 -14.19
C LEU C 13 34.96 18.73 -14.26
N VAL C 14 34.15 19.52 -14.97
CA VAL C 14 32.72 19.22 -15.05
C VAL C 14 32.49 17.91 -15.78
N GLU C 15 33.30 17.60 -16.79
CA GLU C 15 33.14 16.34 -17.50
C GLU C 15 33.47 15.15 -16.60
N GLU C 16 34.43 15.32 -15.69
CA GLU C 16 34.73 14.24 -14.75
C GLU C 16 33.65 14.11 -13.70
N MSE C 17 33.12 15.23 -13.21
CA MSE C 17 32.02 15.21 -12.26
C MSE C 17 30.84 14.45 -12.85
O MSE C 17 30.21 13.63 -12.18
CB MSE C 17 31.59 16.63 -11.88
CG MSE C 17 32.63 17.41 -11.11
SE MSE C 17 32.13 19.29 -10.90
CE MSE C 17 30.52 19.07 -9.83
H MSE C 17 33.39 16.02 -13.42
HA MSE C 17 32.31 14.77 -11.44
HB2 MSE C 17 31.39 17.11 -12.70
HB3 MSE C 17 30.80 16.57 -11.33
HG2 MSE C 17 32.74 17.03 -10.23
HG3 MSE C 17 33.48 17.37 -11.59
HE1 MSE C 17 30.15 19.94 -9.62
HE2 MSE C 17 29.88 18.54 -10.34
HE3 MSE C 17 30.75 18.60 -9.01
N ARG C 18 30.56 14.71 -14.13
CA ARG C 18 29.44 14.06 -14.80
C ARG C 18 29.64 12.56 -14.96
N GLU C 19 30.88 12.08 -14.86
CA GLU C 19 31.17 10.66 -14.94
C GLU C 19 31.15 9.98 -13.56
N GLN C 20 30.79 10.71 -12.52
CA GLN C 20 30.63 10.12 -11.19
C GLN C 20 29.23 9.52 -11.11
N LEU C 21 29.14 8.20 -11.24
CA LEU C 21 27.86 7.51 -11.34
C LEU C 21 27.46 6.89 -10.00
N ASP C 22 26.15 6.82 -9.79
CA ASP C 22 25.62 6.11 -8.63
C ASP C 22 25.98 4.63 -8.73
N GLU C 23 26.37 4.05 -7.59
CA GLU C 23 26.82 2.66 -7.59
C GLU C 23 25.70 1.68 -7.87
N VAL C 24 24.44 2.08 -7.69
CA VAL C 24 23.31 1.17 -7.83
C VAL C 24 22.67 1.35 -9.20
N ASP C 25 22.10 2.52 -9.47
CA ASP C 25 21.36 2.77 -10.69
C ASP C 25 22.17 3.51 -11.76
N SER C 26 23.43 3.84 -11.49
CA SER C 26 24.36 4.41 -12.45
C SER C 26 23.97 5.81 -12.91
N HIS C 27 23.05 6.48 -12.23
CA HIS C 27 22.71 7.83 -12.64
C HIS C 27 23.84 8.78 -12.24
N PRO C 28 24.19 9.74 -13.11
CA PRO C 28 25.27 10.67 -12.75
C PRO C 28 24.90 11.48 -11.51
N ARG C 29 25.86 11.60 -10.59
N ARG C 29 25.86 11.60 -10.59
CA ARG C 29 25.62 12.37 -9.37
CA ARG C 29 25.61 12.37 -9.38
C ARG C 29 25.51 13.86 -9.63
C ARG C 29 25.51 13.86 -9.63
N THR C 30 25.81 14.31 -10.85
CA THR C 30 25.62 15.70 -11.24
C THR C 30 24.20 15.97 -11.76
N SER C 31 23.37 14.93 -11.87
CA SER C 31 22.06 15.08 -12.49
C SER C 31 21.28 16.25 -11.89
N ILE C 32 21.21 16.32 -10.56
CA ILE C 32 20.38 17.31 -9.90
C ILE C 32 21.04 18.68 -9.81
N PHE C 33 22.31 18.79 -10.15
CA PHE C 33 23.04 20.06 -10.07
C PHE C 33 23.25 20.72 -11.43
N GLU C 34 22.72 20.14 -12.50
CA GLU C 34 22.99 20.66 -13.84
C GLU C 34 22.44 22.08 -13.99
N LYS C 35 21.18 22.29 -13.57
CA LYS C 35 20.53 23.58 -13.76
C LYS C 35 19.62 23.86 -12.57
N LEU C 36 19.36 25.16 -12.35
CA LEU C 36 18.47 25.57 -11.29
C LEU C 36 17.01 25.31 -11.68
N PRO C 37 16.14 25.10 -10.69
CA PRO C 37 14.71 24.95 -11.01
C PRO C 37 14.12 26.23 -11.60
N SER C 38 13.04 26.04 -12.35
CA SER C 38 12.28 27.18 -12.87
C SER C 38 11.59 27.90 -11.71
N LYS C 39 11.71 29.22 -11.68
CA LYS C 39 11.17 29.98 -10.55
C LYS C 39 9.65 29.95 -10.53
N ARG C 40 9.01 30.01 -11.71
CA ARG C 40 7.56 29.98 -11.76
C ARG C 40 7.01 28.69 -11.15
N ASP C 41 7.66 27.56 -11.43
CA ASP C 41 7.20 26.28 -10.92
C ASP C 41 7.72 25.96 -9.52
N TYR C 42 8.83 26.58 -9.11
CA TYR C 42 9.45 26.28 -7.83
C TYR C 42 9.79 27.58 -7.09
N PRO C 43 8.77 28.38 -6.76
CA PRO C 43 9.06 29.65 -6.07
C PRO C 43 9.63 29.44 -4.67
N ASP C 44 9.16 28.42 -3.95
CA ASP C 44 9.63 28.21 -2.58
C ASP C 44 11.13 28.02 -2.54
N TYR C 45 11.70 27.31 -3.52
CA TYR C 45 13.13 27.03 -3.50
C TYR C 45 13.93 28.32 -3.37
N PHE C 46 13.57 29.34 -4.14
CA PHE C 46 14.30 30.60 -4.14
C PHE C 46 13.98 31.46 -2.94
N LYS C 47 12.97 31.09 -2.14
CA LYS C 47 12.76 31.73 -0.85
C LYS C 47 13.63 31.11 0.23
N VAL C 48 13.98 29.83 0.08
CA VAL C 48 14.82 29.13 1.05
C VAL C 48 16.30 29.36 0.77
N ILE C 49 16.71 29.24 -0.48
CA ILE C 49 18.12 29.31 -0.86
C ILE C 49 18.45 30.75 -1.24
N GLU C 50 19.35 31.36 -0.45
CA GLU C 50 19.67 32.77 -0.67
C GLU C 50 20.56 32.95 -1.91
N LYS C 51 21.49 32.03 -2.12
CA LYS C 51 22.47 32.15 -3.21
C LYS C 51 22.41 30.89 -4.07
N PRO C 52 21.45 30.82 -5.00
CA PRO C 52 21.35 29.63 -5.84
C PRO C 52 22.59 29.44 -6.69
N MSE C 53 22.91 28.18 -6.98
CA MSE C 53 24.08 27.84 -7.77
C MSE C 53 23.88 26.50 -8.47
O MSE C 53 23.28 25.57 -7.92
CB MSE C 53 25.32 27.78 -6.89
CG MSE C 53 26.62 27.51 -7.64
SE MSE C 53 27.08 28.91 -8.93
CE MSE C 53 26.99 30.45 -7.75
H MSE C 53 22.44 27.50 -6.72
HA MSE C 53 24.22 28.52 -8.44
HB2 MSE C 53 25.42 28.64 -6.44
HB3 MSE C 53 25.21 27.08 -6.23
HG2 MSE C 53 27.35 27.45 -7.00
HG3 MSE C 53 26.54 26.68 -8.12
HE1 MSE C 53 27.29 31.24 -8.24
HE2 MSE C 53 26.08 30.58 -7.44
HE3 MSE C 53 27.58 30.30 -6.99
N ALA C 54 24.38 26.40 -9.70
CA ALA C 54 24.28 25.18 -10.49
C ALA C 54 25.51 25.08 -11.40
N ILE C 55 25.62 23.94 -12.09
CA ILE C 55 26.81 23.68 -12.90
C ILE C 55 26.88 24.67 -14.06
N ASP C 56 25.76 24.90 -14.74
CA ASP C 56 25.78 25.82 -15.89
C ASP C 56 26.20 27.22 -15.47
N ILE C 57 25.83 27.65 -14.26
CA ILE C 57 26.24 28.97 -13.81
C ILE C 57 27.73 29.02 -13.55
N ILE C 58 28.30 27.93 -13.00
CA ILE C 58 29.72 27.90 -12.70
C ILE C 58 30.54 28.02 -13.98
N LEU C 59 30.16 27.25 -15.00
CA LEU C 59 30.86 27.33 -16.28
C LEU C 59 30.73 28.71 -16.90
N LYS C 60 29.54 29.31 -16.82
CA LYS C 60 29.34 30.65 -17.37
C LYS C 60 30.23 31.67 -16.66
N ASN C 61 30.26 31.62 -15.33
CA ASN C 61 31.09 32.56 -14.58
C ASN C 61 32.58 32.34 -14.85
N CYS C 62 32.97 31.11 -15.21
CA CYS C 62 34.34 30.86 -15.63
C CYS C 62 34.59 31.40 -17.02
N LYS C 63 33.63 31.23 -17.93
CA LYS C 63 33.81 31.66 -19.31
C LYS C 63 34.10 33.16 -19.37
N ASN C 64 33.34 33.95 -18.63
CA ASN C 64 33.64 35.37 -18.46
C ASN C 64 34.63 35.51 -17.30
N GLY C 65 34.89 36.74 -16.87
CA GLY C 65 35.87 37.00 -15.84
C GLY C 65 35.37 36.92 -14.42
N THR C 66 34.15 36.44 -14.19
CA THR C 66 33.61 36.40 -12.84
C THR C 66 34.49 35.57 -11.92
N TYR C 67 34.70 34.30 -12.27
CA TYR C 67 35.61 33.43 -11.55
C TYR C 67 36.96 33.43 -12.25
N LYS C 68 38.01 33.82 -11.53
CA LYS C 68 39.36 33.89 -12.10
C LYS C 68 40.31 32.85 -11.53
N THR C 69 39.98 32.22 -10.40
CA THR C 69 40.83 31.21 -9.78
C THR C 69 40.01 29.98 -9.41
N LEU C 70 40.68 28.84 -9.35
CA LEU C 70 39.99 27.60 -9.01
C LEU C 70 39.40 27.66 -7.61
N GLU C 71 40.08 28.35 -6.68
CA GLU C 71 39.53 28.48 -5.34
C GLU C 71 38.15 29.12 -5.36
N GLU C 72 37.92 30.06 -6.29
CA GLU C 72 36.59 30.63 -6.44
C GLU C 72 35.60 29.60 -6.97
N VAL C 73 36.06 28.67 -7.81
CA VAL C 73 35.19 27.60 -8.27
C VAL C 73 34.89 26.63 -7.13
N ARG C 74 35.91 26.30 -6.33
CA ARG C 74 35.68 25.44 -5.17
C ARG C 74 34.68 26.09 -4.22
N GLN C 75 34.77 27.41 -4.04
CA GLN C 75 33.83 28.10 -3.17
C GLN C 75 32.43 28.12 -3.77
N ALA C 76 32.33 28.25 -5.09
CA ALA C 76 31.02 28.18 -5.73
C ALA C 76 30.42 26.79 -5.60
N LEU C 77 31.23 25.75 -5.80
CA LEU C 77 30.73 24.39 -5.60
C LEU C 77 30.34 24.16 -4.15
N GLN C 78 31.06 24.78 -3.20
CA GLN C 78 30.72 24.65 -1.80
C GLN C 78 29.33 25.20 -1.52
N THR C 79 29.04 26.39 -2.05
CA THR C 79 27.71 26.95 -1.91
C THR C 79 26.66 26.04 -2.53
N MSE C 80 26.95 25.50 -3.70
CA MSE C 80 26.02 24.60 -4.39
C MSE C 80 25.72 23.37 -3.55
O MSE C 80 24.57 22.98 -3.39
CB MSE C 80 26.61 24.18 -5.74
CG MSE C 80 25.66 23.39 -6.61
SE MSE C 80 26.48 22.86 -8.29
CE MSE C 80 27.66 21.45 -7.61
H MSE C 80 27.68 25.63 -4.14
HA MSE C 80 25.20 25.07 -4.56
HB2 MSE C 80 26.86 24.98 -6.23
HB3 MSE C 80 27.39 23.63 -5.58
HG2 MSE C 80 25.38 22.58 -6.14
HG3 MSE C 80 24.88 23.93 -6.82
HE1 MSE C 80 28.18 21.10 -8.35
HE2 MSE C 80 28.25 21.84 -6.95
HE3 MSE C 80 27.12 20.75 -7.22
N PHE C 81 26.78 22.76 -2.99
CA PHE C 81 26.57 21.55 -2.18
C PHE C 81 25.91 21.89 -0.86
N GLU C 82 26.24 23.05 -0.27
CA GLU C 82 25.58 23.47 0.95
C GLU C 82 24.09 23.68 0.73
N ASN C 83 23.72 24.35 -0.36
CA ASN C 83 22.30 24.56 -0.66
C ASN C 83 21.55 23.25 -0.75
N ALA C 84 22.15 22.25 -1.41
CA ALA C 84 21.47 20.97 -1.57
C ALA C 84 21.27 20.28 -0.23
N ARG C 85 22.28 20.33 0.64
CA ARG C 85 22.13 19.70 1.96
C ARG C 85 21.19 20.48 2.87
N PHE C 86 20.99 21.77 2.62
CA PHE C 86 20.04 22.54 3.43
C PHE C 86 18.61 22.27 3.00
N TYR C 87 18.35 22.22 1.69
CA TYR C 87 16.98 22.11 1.21
C TYR C 87 16.46 20.68 1.23
N ASN C 88 17.33 19.69 1.03
CA ASN C 88 16.91 18.30 0.89
C ASN C 88 17.15 17.53 2.20
N GLU C 89 16.23 16.63 2.51
CA GLU C 89 16.30 15.89 3.76
C GLU C 89 17.58 15.06 3.82
N GLU C 90 18.14 14.95 5.03
CA GLU C 90 19.30 14.09 5.23
C GLU C 90 18.95 12.65 4.86
N GLY C 91 19.83 12.01 4.10
CA GLY C 91 19.62 10.66 3.66
C GLY C 91 18.84 10.52 2.37
N SER C 92 18.26 11.61 1.86
CA SER C 92 17.62 11.57 0.56
C SER C 92 18.68 11.43 -0.52
N TRP C 93 18.24 10.93 -1.69
CA TRP C 93 19.22 10.65 -2.75
C TRP C 93 19.92 11.91 -3.21
N VAL C 94 19.23 13.06 -3.19
CA VAL C 94 19.88 14.32 -3.56
C VAL C 94 20.93 14.69 -2.51
N TYR C 95 20.58 14.56 -1.23
CA TYR C 95 21.56 14.81 -0.17
C TYR C 95 22.75 13.88 -0.29
N VAL C 96 22.51 12.61 -0.62
CA VAL C 96 23.61 11.66 -0.78
C VAL C 96 24.46 12.03 -1.99
N ASP C 97 23.82 12.41 -3.09
CA ASP C 97 24.58 12.80 -4.28
C ASP C 97 25.47 14.00 -3.98
N ALA C 98 24.99 14.95 -3.18
CA ALA C 98 25.79 16.11 -2.83
C ALA C 98 27.02 15.70 -2.03
N ASP C 99 26.83 14.84 -1.02
CA ASP C 99 27.96 14.42 -0.19
C ASP C 99 29.01 13.69 -1.01
N LYS C 100 28.59 12.71 -1.81
CA LYS C 100 29.56 11.90 -2.55
C LYS C 100 30.24 12.69 -3.66
N LEU C 101 29.48 13.56 -4.35
CA LEU C 101 30.09 14.36 -5.40
C LEU C 101 31.01 15.41 -4.80
N ASN C 102 30.65 15.96 -3.64
CA ASN C 102 31.52 16.92 -2.97
C ASN C 102 32.81 16.27 -2.49
N GLU C 103 32.78 14.97 -2.18
CA GLU C 103 34.01 14.27 -1.84
C GLU C 103 34.92 14.16 -3.07
N PHE C 104 34.35 13.95 -4.24
CA PHE C 104 35.14 13.87 -5.46
C PHE C 104 35.77 15.22 -5.80
N THR C 105 35.00 16.31 -5.68
CA THR C 105 35.53 17.63 -6.02
C THR C 105 36.57 18.08 -5.02
N ASP C 106 36.34 17.82 -3.72
CA ASP C 106 37.35 18.14 -2.72
C ASP C 106 38.67 17.45 -3.05
N GLU C 107 38.62 16.20 -3.48
CA GLU C 107 39.84 15.49 -3.84
C GLU C 107 40.42 15.99 -5.16
N TRP C 108 39.58 16.58 -6.03
CA TRP C 108 40.09 17.12 -7.28
C TRP C 108 40.92 18.37 -7.03
N PHE C 109 40.47 19.24 -6.12
CA PHE C 109 41.20 20.47 -5.83
C PHE C 109 42.46 20.22 -5.02
N LYS C 110 42.55 19.09 -4.32
CA LYS C 110 43.74 18.79 -3.53
C LYS C 110 44.99 18.72 -4.41
N GLU C 111 44.87 18.14 -5.60
CA GLU C 111 46.01 17.96 -6.47
C GLU C 111 46.19 19.10 -7.47
N HIS C 112 45.11 19.71 -7.95
CA HIS C 112 45.18 20.79 -8.91
C HIS C 112 45.40 22.15 -8.25
N SER C 113 45.97 22.19 -7.05
CA SER C 113 46.25 23.45 -6.36
C SER C 113 47.02 23.15 -5.08
N SER C 114 47.91 24.06 -4.73
CA SER C 114 48.71 23.93 -3.52
C SER C 114 49.40 25.24 -3.17
N MSE D 4 18.36 -11.05 -27.22
CA MSE D 4 18.75 -10.32 -26.02
C MSE D 4 17.53 -10.00 -25.16
O MSE D 4 16.53 -9.47 -25.66
CB MSE D 4 19.50 -9.04 -26.39
CG MSE D 4 20.03 -8.25 -25.20
SE MSE D 4 21.11 -6.71 -25.72
CE MSE D 4 22.60 -7.66 -26.56
HA MSE D 4 19.36 -10.87 -25.50
HB2 MSE D 4 20.27 -9.27 -26.95
HB3 MSE D 4 18.90 -8.45 -26.89
HG2 MSE D 4 19.27 -7.91 -24.69
HG3 MSE D 4 20.57 -8.83 -24.65
HE1 MSE D 4 23.27 -7.01 -26.85
HE2 MSE D 4 22.99 -8.27 -25.92
HE3 MSE D 4 22.26 -8.16 -27.32
N GLY D 5 17.63 -10.31 -23.88
CA GLY D 5 16.50 -10.11 -22.98
C GLY D 5 16.02 -8.68 -22.94
N ILE D 6 14.89 -8.48 -22.25
CA ILE D 6 14.30 -7.16 -22.16
C ILE D 6 15.19 -6.22 -21.36
N PHE D 7 15.71 -6.68 -20.23
CA PHE D 7 16.49 -5.81 -19.36
C PHE D 7 17.76 -5.31 -20.05
N PRO D 8 18.64 -6.16 -20.58
CA PRO D 8 19.83 -5.62 -21.27
C PRO D 8 19.47 -4.76 -22.47
N THR D 9 18.37 -5.06 -23.16
CA THR D 9 17.94 -4.21 -24.27
C THR D 9 17.58 -2.81 -23.77
N VAL D 10 16.83 -2.73 -22.67
CA VAL D 10 16.44 -1.42 -22.17
C VAL D 10 17.64 -0.73 -21.51
N GLU D 11 18.55 -1.50 -20.92
CA GLU D 11 19.79 -0.90 -20.43
C GLU D 11 20.50 -0.13 -21.54
N LYS D 12 20.56 -0.71 -22.74
CA LYS D 12 21.23 -0.04 -23.85
C LYS D 12 20.43 1.16 -24.34
N LEU D 13 19.10 1.06 -24.31
CA LEU D 13 18.28 2.22 -24.64
C LEU D 13 18.56 3.38 -23.69
N VAL D 14 18.55 3.10 -22.38
CA VAL D 14 18.80 4.15 -21.39
C VAL D 14 20.16 4.78 -21.62
N GLU D 15 21.18 3.96 -21.93
CA GLU D 15 22.50 4.51 -22.18
C GLU D 15 22.49 5.48 -23.35
N GLU D 16 21.74 5.15 -24.41
CA GLU D 16 21.62 6.07 -25.54
C GLU D 16 20.87 7.34 -25.13
N MSE D 17 19.78 7.20 -24.38
CA MSE D 17 19.04 8.35 -23.90
C MSE D 17 19.96 9.30 -23.13
O MSE D 17 19.92 10.52 -23.32
CB MSE D 17 17.88 7.91 -23.00
CG MSE D 17 16.79 7.13 -23.74
SE MSE D 17 15.48 6.34 -22.51
CE MSE D 17 14.95 7.96 -21.57
H MSE D 17 19.45 6.44 -24.15
HA MSE D 17 18.65 8.83 -24.65
HB2 MSE D 17 18.22 7.34 -22.31
HB3 MSE D 17 17.47 8.70 -22.61
HG2 MSE D 17 16.32 7.73 -24.33
HG3 MSE D 17 17.19 6.42 -24.24
HE1 MSE D 17 14.26 7.74 -20.92
HE2 MSE D 17 15.72 8.32 -21.11
HE3 MSE D 17 14.60 8.60 -22.20
N ARG D 18 20.81 8.73 -22.27
CA ARG D 18 21.72 9.53 -21.46
C ARG D 18 22.79 10.24 -22.29
N GLU D 19 22.95 9.86 -23.56
CA GLU D 19 23.91 10.52 -24.45
C GLU D 19 23.28 11.66 -25.24
N GLN D 20 21.98 11.89 -25.09
CA GLN D 20 21.32 13.03 -25.73
C GLN D 20 21.57 14.27 -24.89
N LEU D 21 22.36 15.20 -25.42
CA LEU D 21 22.84 16.35 -24.67
C LEU D 21 22.17 17.63 -25.16
N ASP D 22 22.00 18.57 -24.25
CA ASP D 22 21.55 19.91 -24.60
C ASP D 22 22.61 20.61 -25.44
N GLU D 23 22.21 21.17 -26.58
CA GLU D 23 23.18 21.72 -27.51
C GLU D 23 24.03 22.82 -26.88
N VAL D 24 23.45 23.59 -25.96
CA VAL D 24 24.13 24.76 -25.40
C VAL D 24 25.03 24.35 -24.25
N ASP D 25 24.43 23.96 -23.12
CA ASP D 25 25.18 23.68 -21.91
C ASP D 25 25.65 22.24 -21.81
N SER D 26 25.23 21.37 -22.73
CA SER D 26 25.67 19.97 -22.80
C SER D 26 25.15 19.11 -21.66
N HIS D 27 24.15 19.57 -20.92
CA HIS D 27 23.63 18.72 -19.86
C HIS D 27 22.78 17.61 -20.47
N PRO D 28 22.88 16.38 -19.96
CA PRO D 28 22.06 15.30 -20.51
C PRO D 28 20.58 15.61 -20.34
N ARG D 29 19.81 15.35 -21.40
CA ARG D 29 18.36 15.58 -21.33
C ARG D 29 17.67 14.58 -20.41
N THR D 30 18.37 13.54 -19.96
CA THR D 30 17.85 12.60 -18.98
C THR D 30 18.05 13.07 -17.53
N SER D 31 18.71 14.22 -17.33
CA SER D 31 19.07 14.65 -15.99
C SER D 31 17.88 14.63 -15.04
N ILE D 32 16.77 15.25 -15.46
CA ILE D 32 15.62 15.41 -14.58
C ILE D 32 14.73 14.17 -14.53
N PHE D 33 15.03 13.15 -15.32
CA PHE D 33 14.24 11.93 -15.37
C PHE D 33 14.92 10.75 -14.69
N GLU D 34 16.11 10.93 -14.12
CA GLU D 34 16.85 9.81 -13.55
C GLU D 34 16.11 9.21 -12.36
N LYS D 35 15.58 10.05 -11.47
CA LYS D 35 14.96 9.58 -10.24
C LYS D 35 13.78 10.48 -9.89
N LEU D 36 12.82 9.91 -9.17
CA LEU D 36 11.66 10.67 -8.75
C LEU D 36 12.02 11.58 -7.57
N PRO D 37 11.30 12.70 -7.42
CA PRO D 37 11.51 13.52 -6.22
C PRO D 37 11.17 12.75 -4.96
N SER D 38 11.78 13.18 -3.85
CA SER D 38 11.48 12.60 -2.55
C SER D 38 10.15 13.15 -2.06
N LYS D 39 9.26 12.26 -1.62
CA LYS D 39 7.88 12.68 -1.32
C LYS D 39 7.86 13.68 -0.16
N ARG D 40 8.70 13.48 0.85
N ARG D 40 8.71 13.47 0.85
CA ARG D 40 8.69 14.37 2.01
CA ARG D 40 8.70 14.36 2.01
C ARG D 40 9.07 15.78 1.61
C ARG D 40 9.08 15.78 1.62
N ASP D 41 10.07 15.93 0.73
CA ASP D 41 10.47 17.26 0.28
C ASP D 41 9.55 17.80 -0.81
N TYR D 42 8.89 16.91 -1.56
CA TYR D 42 8.06 17.31 -2.70
C TYR D 42 6.70 16.59 -2.62
N PRO D 43 5.93 16.84 -1.56
CA PRO D 43 4.64 16.17 -1.45
C PRO D 43 3.66 16.59 -2.53
N ASP D 44 3.75 17.83 -3.02
CA ASP D 44 2.78 18.31 -4.01
C ASP D 44 2.93 17.57 -5.33
N TYR D 45 4.16 17.23 -5.71
CA TYR D 45 4.37 16.52 -6.98
C TYR D 45 3.53 15.26 -7.04
N PHE D 46 3.53 14.48 -5.96
CA PHE D 46 2.81 13.21 -5.93
C PHE D 46 1.30 13.39 -5.74
N LYS D 47 0.86 14.61 -5.44
CA LYS D 47 -0.57 14.91 -5.47
C LYS D 47 -1.03 15.33 -6.86
N VAL D 48 -0.12 15.88 -7.67
CA VAL D 48 -0.46 16.26 -9.03
C VAL D 48 -0.35 15.05 -9.97
N ILE D 49 0.73 14.29 -9.86
CA ILE D 49 1.02 13.19 -10.77
C ILE D 49 0.51 11.90 -10.16
N GLU D 50 -0.43 11.25 -10.84
CA GLU D 50 -1.07 10.05 -10.31
C GLU D 50 -0.26 8.79 -10.59
N LYS D 51 0.59 8.80 -11.62
CA LYS D 51 1.40 7.64 -11.99
C LYS D 51 2.84 8.09 -12.20
N PRO D 52 3.58 8.31 -11.11
CA PRO D 52 4.96 8.77 -11.26
C PRO D 52 5.83 7.73 -11.96
N MSE D 53 6.82 8.22 -12.70
CA MSE D 53 7.71 7.34 -13.45
C MSE D 53 9.07 8.01 -13.66
O MSE D 53 9.16 9.21 -13.87
CB MSE D 53 7.09 6.98 -14.80
CG MSE D 53 7.89 5.97 -15.62
SE MSE D 53 8.17 4.27 -14.70
CE MSE D 53 6.34 3.89 -14.15
H MSE D 53 7.00 9.06 -12.79
HA MSE D 53 7.84 6.52 -12.95
HB2 MSE D 53 6.21 6.59 -14.63
HB3 MSE D 53 7.00 7.79 -15.33
HG2 MSE D 53 7.40 5.78 -16.44
HG3 MSE D 53 8.76 6.35 -15.82
HE1 MSE D 53 6.32 3.02 -13.73
HE2 MSE D 53 6.04 4.57 -13.53
HE3 MSE D 53 5.77 3.90 -14.93
N ALA D 54 10.14 7.20 -13.60
CA ALA D 54 11.49 7.70 -13.82
C ALA D 54 12.34 6.56 -14.35
N ILE D 55 13.55 6.91 -14.79
CA ILE D 55 14.42 5.96 -15.49
C ILE D 55 14.78 4.80 -14.56
N ASP D 56 15.06 5.08 -13.29
CA ASP D 56 15.46 4.01 -12.38
C ASP D 56 14.32 3.01 -12.17
N ILE D 57 13.07 3.49 -12.23
CA ILE D 57 11.94 2.58 -12.08
C ILE D 57 11.75 1.75 -13.35
N ILE D 58 11.94 2.37 -14.51
CA ILE D 58 11.83 1.64 -15.76
C ILE D 58 12.81 0.46 -15.78
N LEU D 59 14.08 0.73 -15.44
CA LEU D 59 15.07 -0.34 -15.40
C LEU D 59 14.72 -1.38 -14.34
N LYS D 60 14.32 -0.93 -13.15
CA LYS D 60 13.92 -1.85 -12.09
C LYS D 60 12.77 -2.74 -12.56
N ASN D 61 11.79 -2.16 -13.25
CA ASN D 61 10.63 -2.92 -13.66
C ASN D 61 10.96 -3.92 -14.77
N CYS D 62 11.97 -3.62 -15.60
CA CYS D 62 12.42 -4.61 -16.57
C CYS D 62 13.16 -5.75 -15.90
N LYS D 63 13.89 -5.45 -14.82
CA LYS D 63 14.71 -6.48 -14.16
C LYS D 63 13.84 -7.48 -13.41
N ASN D 64 12.77 -7.00 -12.75
CA ASN D 64 11.95 -7.84 -11.91
C ASN D 64 10.74 -8.43 -12.65
N GLY D 65 10.62 -8.20 -13.95
CA GLY D 65 9.55 -8.77 -14.73
C GLY D 65 8.29 -7.95 -14.82
N THR D 66 8.24 -6.77 -14.20
CA THR D 66 7.05 -5.94 -14.29
C THR D 66 6.78 -5.52 -15.73
N TYR D 67 7.83 -5.14 -16.46
CA TYR D 67 7.74 -4.90 -17.90
C TYR D 67 8.39 -6.08 -18.62
N LYS D 68 7.64 -6.71 -19.53
CA LYS D 68 8.14 -7.86 -20.27
C LYS D 68 8.38 -7.57 -21.74
N THR D 69 7.91 -6.43 -22.26
CA THR D 69 8.06 -6.11 -23.67
C THR D 69 8.48 -4.65 -23.82
N LEU D 70 9.01 -4.33 -24.99
CA LEU D 70 9.40 -2.95 -25.27
C LEU D 70 8.19 -2.03 -25.33
N GLU D 71 7.04 -2.54 -25.78
CA GLU D 71 5.83 -1.72 -25.83
C GLU D 71 5.43 -1.25 -24.43
N GLU D 72 5.57 -2.12 -23.43
CA GLU D 72 5.30 -1.70 -22.06
C GLU D 72 6.29 -0.63 -21.62
N VAL D 73 7.55 -0.74 -22.06
CA VAL D 73 8.54 0.28 -21.75
C VAL D 73 8.22 1.57 -22.49
N ARG D 74 7.83 1.46 -23.77
CA ARG D 74 7.43 2.65 -24.50
C ARG D 74 6.26 3.34 -23.83
N GLN D 75 5.31 2.55 -23.29
CA GLN D 75 4.16 3.14 -22.62
C GLN D 75 4.56 3.80 -21.31
N ALA D 76 5.53 3.22 -20.60
CA ALA D 76 6.01 3.83 -19.37
C ALA D 76 6.76 5.12 -19.64
N LEU D 77 7.59 5.13 -20.69
CA LEU D 77 8.27 6.37 -21.06
C LEU D 77 7.27 7.46 -21.43
N GLN D 78 6.20 7.09 -22.12
CA GLN D 78 5.21 8.09 -22.51
C GLN D 78 4.54 8.70 -21.29
N THR D 79 4.21 7.87 -20.29
CA THR D 79 3.70 8.40 -19.04
C THR D 79 4.70 9.35 -18.40
N MSE D 80 5.97 8.96 -18.38
CA MSE D 80 7.03 9.78 -17.81
C MSE D 80 7.09 11.15 -18.50
O MSE D 80 7.23 12.17 -17.83
CB MSE D 80 8.37 9.07 -17.94
CG MSE D 80 9.51 9.70 -17.15
SE MSE D 80 11.21 8.80 -17.43
CE MSE D 80 11.64 9.50 -19.19
H MSE D 80 6.25 8.21 -18.70
HA MSE D 80 6.84 9.91 -16.87
HB2 MSE D 80 8.27 8.16 -17.61
HB3 MSE D 80 8.63 9.06 -18.87
HG2 MSE D 80 9.60 10.62 -17.43
HG3 MSE D 80 9.29 9.67 -16.20
HE1 MSE D 80 12.48 9.13 -19.49
HE2 MSE D 80 10.93 9.25 -19.81
HE3 MSE D 80 11.69 10.47 -19.15
N PHE D 81 6.99 11.15 -19.82
CA PHE D 81 7.07 12.41 -20.56
C PHE D 81 5.79 13.23 -20.38
N GLU D 82 4.63 12.57 -20.39
CA GLU D 82 3.38 13.28 -20.17
C GLU D 82 3.35 13.93 -18.79
N ASN D 83 3.84 13.20 -17.77
CA ASN D 83 3.91 13.78 -16.43
C ASN D 83 4.72 15.07 -16.43
N ALA D 84 5.88 15.06 -17.08
CA ALA D 84 6.74 16.23 -17.08
C ALA D 84 6.09 17.40 -17.82
N ARG D 85 5.45 17.13 -18.95
CA ARG D 85 4.77 18.19 -19.70
C ARG D 85 3.57 18.72 -18.94
N PHE D 86 2.96 17.90 -18.09
CA PHE D 86 1.79 18.34 -17.33
C PHE D 86 2.19 19.17 -16.12
N TYR D 87 3.28 18.81 -15.45
CA TYR D 87 3.67 19.47 -14.22
C TYR D 87 4.54 20.70 -14.43
N ASN D 88 5.32 20.74 -15.51
CA ASN D 88 6.27 21.83 -15.74
C ASN D 88 5.72 22.82 -16.77
N GLU D 89 6.05 24.09 -16.58
CA GLU D 89 5.57 25.14 -17.47
C GLU D 89 6.05 24.89 -18.89
N GLU D 90 5.15 25.05 -19.85
CA GLU D 90 5.53 24.96 -21.25
C GLU D 90 6.62 25.97 -21.55
N GLY D 91 7.67 25.51 -22.23
CA GLY D 91 8.80 26.35 -22.54
C GLY D 91 9.89 26.36 -21.49
N SER D 92 9.64 25.82 -20.31
CA SER D 92 10.70 25.67 -19.31
C SER D 92 11.69 24.61 -19.77
N TRP D 93 12.90 24.66 -19.21
CA TRP D 93 13.96 23.76 -19.66
C TRP D 93 13.61 22.30 -19.39
N VAL D 94 12.83 22.03 -18.34
CA VAL D 94 12.40 20.65 -18.09
C VAL D 94 11.39 20.21 -19.16
N TYR D 95 10.44 21.08 -19.48
CA TYR D 95 9.48 20.78 -20.54
C TYR D 95 10.21 20.51 -21.86
N VAL D 96 11.16 21.37 -22.22
CA VAL D 96 11.88 21.21 -23.48
C VAL D 96 12.64 19.90 -23.50
N ASP D 97 13.31 19.55 -22.40
CA ASP D 97 14.01 18.27 -22.33
C ASP D 97 13.07 17.11 -22.58
N ALA D 98 11.87 17.15 -21.99
CA ALA D 98 10.91 16.08 -22.18
C ALA D 98 10.54 15.94 -23.66
N ASP D 99 10.31 17.06 -24.34
CA ASP D 99 9.93 17.01 -25.75
C ASP D 99 11.06 16.45 -26.60
N LYS D 100 12.28 16.97 -26.42
CA LYS D 100 13.40 16.53 -27.25
C LYS D 100 13.80 15.09 -26.92
N LEU D 101 13.78 14.72 -25.64
CA LEU D 101 14.07 13.35 -25.29
C LEU D 101 12.97 12.41 -25.79
N ASN D 102 11.71 12.82 -25.66
CA ASN D 102 10.61 12.02 -26.20
C ASN D 102 10.73 11.89 -27.72
N GLU D 103 11.25 12.92 -28.39
CA GLU D 103 11.48 12.83 -29.83
C GLU D 103 12.51 11.76 -30.14
N PHE D 104 13.52 11.61 -29.29
CA PHE D 104 14.54 10.60 -29.52
C PHE D 104 13.99 9.20 -29.32
N THR D 105 13.23 8.98 -28.24
CA THR D 105 12.72 7.64 -27.97
C THR D 105 11.69 7.23 -29.01
N ASP D 106 10.81 8.15 -29.42
CA ASP D 106 9.86 7.85 -30.48
C ASP D 106 10.58 7.31 -31.72
N GLU D 107 11.66 7.97 -32.13
CA GLU D 107 12.41 7.50 -33.28
C GLU D 107 13.14 6.20 -32.98
N TRP D 108 13.53 5.98 -31.71
CA TRP D 108 14.20 4.75 -31.35
C TRP D 108 13.26 3.56 -31.48
N PHE D 109 12.05 3.68 -30.92
CA PHE D 109 11.09 2.59 -31.01
C PHE D 109 10.62 2.35 -32.45
N LYS D 110 10.55 3.42 -33.25
CA LYS D 110 10.17 3.24 -34.65
C LYS D 110 11.19 2.39 -35.39
N GLU D 111 12.47 2.51 -35.03
CA GLU D 111 13.49 1.68 -35.65
C GLU D 111 13.35 0.22 -35.23
N HIS D 112 12.97 -0.03 -33.97
CA HIS D 112 12.78 -1.40 -33.51
C HIS D 112 11.59 -2.05 -34.19
N SER D 113 10.49 -1.29 -34.36
CA SER D 113 9.32 -1.77 -35.08
C SER D 113 9.62 -1.74 -36.58
N SER D 114 10.37 -2.73 -37.02
CA SER D 114 10.77 -2.83 -38.43
C SER D 114 11.57 -1.59 -38.84
N MSE E 4 -37.43 35.41 -1.61
CA MSE E 4 -36.51 34.40 -1.09
C MSE E 4 -35.26 34.32 -1.98
O MSE E 4 -34.97 33.26 -2.53
CB MSE E 4 -37.18 33.04 -1.00
CG MSE E 4 -38.55 33.06 -0.32
SE MSE E 4 -38.51 33.70 1.54
CE MSE E 4 -38.50 35.62 1.22
HA MSE E 4 -36.23 34.66 -0.20
HB2 MSE E 4 -37.31 32.69 -1.90
HB3 MSE E 4 -36.62 32.44 -0.49
HG2 MSE E 4 -39.14 33.65 -0.81
HG3 MSE E 4 -38.91 32.16 -0.31
HE1 MSE E 4 -38.80 36.08 2.03
HE2 MSE E 4 -37.60 35.91 1.00
HE3 MSE E 4 -39.11 35.82 0.48
N GLY E 5 -34.57 35.44 -2.12
CA GLY E 5 -33.42 35.48 -3.02
C GLY E 5 -32.35 34.48 -2.61
N ILE E 6 -31.60 34.02 -3.61
CA ILE E 6 -30.52 33.06 -3.35
C ILE E 6 -29.39 33.71 -2.57
N PHE E 7 -29.04 34.97 -2.92
CA PHE E 7 -27.93 35.62 -2.24
C PHE E 7 -28.23 35.87 -0.76
N PRO E 8 -29.32 36.55 -0.40
CA PRO E 8 -29.56 36.79 1.03
C PRO E 8 -29.65 35.50 1.84
N THR E 9 -30.27 34.46 1.28
CA THR E 9 -30.32 33.18 1.97
C THR E 9 -28.91 32.61 2.16
N VAL E 10 -28.09 32.68 1.12
CA VAL E 10 -26.73 32.16 1.23
C VAL E 10 -25.86 33.12 2.03
N GLU E 11 -26.10 34.43 1.92
CA GLU E 11 -25.36 35.39 2.73
C GLU E 11 -25.56 35.10 4.22
N LYS E 12 -26.74 34.62 4.60
CA LYS E 12 -27.01 34.30 6.00
C LYS E 12 -26.35 32.98 6.39
N LEU E 13 -26.32 32.00 5.48
CA LEU E 13 -25.64 30.75 5.77
C LEU E 13 -24.16 30.98 6.05
N VAL E 14 -23.49 31.80 5.25
CA VAL E 14 -22.07 32.06 5.44
C VAL E 14 -21.82 32.63 6.83
N GLU E 15 -22.73 33.47 7.32
CA GLU E 15 -22.55 34.03 8.66
C GLU E 15 -22.69 32.95 9.73
N GLU E 16 -23.57 31.97 9.51
CA GLU E 16 -23.68 30.87 10.46
C GLU E 16 -22.45 29.97 10.39
N MSE E 17 -21.95 29.71 9.19
CA MSE E 17 -20.74 28.91 9.02
C MSE E 17 -19.58 29.56 9.77
O MSE E 17 -18.85 28.89 10.51
CB MSE E 17 -20.39 28.78 7.53
CG MSE E 17 -21.39 27.97 6.73
SE MSE E 17 -21.04 28.06 4.80
CE MSE E 17 -19.25 27.28 4.78
H MSE E 17 -22.30 29.99 8.44
HA MSE E 17 -20.89 28.03 9.35
HB2 MSE E 17 -20.34 29.67 7.14
HB3 MSE E 17 -19.52 28.34 7.46
HG2 MSE E 17 -21.34 27.04 7.00
HG3 MSE E 17 -22.28 28.32 6.89
HE1 MSE E 17 -18.94 27.25 3.86
HE2 MSE E 17 -18.65 27.83 5.31
HE3 MSE E 17 -19.29 26.38 5.14
N ARG E 18 -19.42 30.87 9.57
CA ARG E 18 -18.34 31.59 10.22
C ARG E 18 -18.42 31.54 11.74
N GLU E 19 -19.59 31.20 12.29
CA GLU E 19 -19.76 31.08 13.73
C GLU E 19 -19.39 29.70 14.26
N GLN E 20 -19.16 28.72 13.38
CA GLN E 20 -18.72 27.40 13.80
C GLN E 20 -17.26 27.49 14.23
N LEU E 21 -17.01 27.34 15.53
CA LEU E 21 -15.68 27.51 16.10
C LEU E 21 -15.12 26.18 16.58
N ASP E 22 -13.79 26.13 16.65
CA ASP E 22 -13.10 24.98 17.22
C ASP E 22 -13.27 24.96 18.73
N GLU E 23 -13.35 23.75 19.29
CA GLU E 23 -13.60 23.63 20.73
C GLU E 23 -12.41 24.09 21.56
N VAL E 24 -11.20 24.00 21.02
CA VAL E 24 -9.99 24.29 21.78
C VAL E 24 -9.63 25.76 21.63
N ASP E 25 -9.12 26.14 20.46
CA ASP E 25 -8.63 27.49 20.23
C ASP E 25 -9.72 28.44 19.74
N SER E 26 -10.94 27.96 19.51
CA SER E 26 -12.06 28.81 19.13
C SER E 26 -11.82 29.52 17.80
N HIS E 27 -11.03 28.91 16.92
CA HIS E 27 -10.82 29.53 15.61
C HIS E 27 -11.98 29.15 14.68
N PRO E 28 -12.45 30.09 13.85
CA PRO E 28 -13.55 29.75 12.94
C PRO E 28 -13.14 28.68 11.94
N ARG E 29 -13.95 27.63 11.84
N ARG E 29 -13.95 27.63 11.84
CA ARG E 29 -13.66 26.54 10.91
CA ARG E 29 -13.66 26.54 10.91
C ARG E 29 -13.79 26.97 9.45
C ARG E 29 -13.76 26.99 9.46
N THR E 30 -14.31 28.17 9.19
CA THR E 30 -14.32 28.74 7.85
C THR E 30 -13.01 29.45 7.51
N SER E 31 -12.08 29.52 8.46
CA SER E 31 -10.89 30.33 8.26
C SER E 31 -10.13 29.93 7.00
N ILE E 32 -9.99 28.62 6.78
CA ILE E 32 -9.21 28.13 5.63
C ILE E 32 -10.04 28.08 4.35
N PHE E 33 -11.33 28.44 4.40
CA PHE E 33 -12.20 28.40 3.24
C PHE E 33 -12.65 29.79 2.78
N GLU E 34 -12.13 30.86 3.39
CA GLU E 34 -12.55 32.20 3.02
C GLU E 34 -12.14 32.53 1.58
N LYS E 35 -10.86 32.37 1.27
CA LYS E 35 -10.33 32.72 -0.04
C LYS E 35 -9.37 31.65 -0.52
N LEU E 36 -9.14 31.63 -1.83
CA LEU E 36 -8.20 30.69 -2.43
C LEU E 36 -6.77 31.20 -2.29
N PRO E 37 -5.79 30.30 -2.33
CA PRO E 37 -4.39 30.75 -2.27
C PRO E 37 -4.01 31.53 -3.51
N SER E 38 -3.00 32.39 -3.35
CA SER E 38 -2.48 33.15 -4.48
C SER E 38 -1.74 32.21 -5.44
N LYS E 39 -1.96 32.43 -6.74
CA LYS E 39 -1.44 31.51 -7.75
C LYS E 39 0.08 31.51 -7.78
N ARG E 40 0.71 32.69 -7.70
CA ARG E 40 2.17 32.75 -7.83
C ARG E 40 2.87 32.11 -6.65
N ASP E 41 2.27 32.17 -5.45
CA ASP E 41 2.86 31.57 -4.27
C ASP E 41 2.49 30.11 -4.08
N TYR E 42 1.39 29.65 -4.69
CA TYR E 42 0.90 28.28 -4.51
C TYR E 42 0.50 27.70 -5.87
N PRO E 43 1.46 27.57 -6.80
CA PRO E 43 1.11 27.01 -8.10
C PRO E 43 0.71 25.55 -8.04
N ASP E 44 1.27 24.77 -7.10
CA ASP E 44 0.97 23.34 -7.04
C ASP E 44 -0.50 23.09 -6.73
N TYR E 45 -1.08 23.87 -5.81
CA TYR E 45 -2.47 23.65 -5.42
C TYR E 45 -3.39 23.69 -6.64
N PHE E 46 -3.13 24.61 -7.57
CA PHE E 46 -3.99 24.74 -8.74
C PHE E 46 -3.71 23.68 -9.80
N LYS E 47 -2.57 23.00 -9.71
CA LYS E 47 -2.35 21.82 -10.53
C LYS E 47 -3.01 20.59 -9.93
N VAL E 48 -3.12 20.54 -8.61
CA VAL E 48 -3.80 19.42 -7.95
C VAL E 48 -5.31 19.54 -8.09
N ILE E 49 -5.86 20.68 -7.67
CA ILE E 49 -7.30 20.88 -7.61
C ILE E 49 -7.78 21.41 -8.95
N GLU E 50 -8.62 20.63 -9.62
CA GLU E 50 -9.11 21.02 -10.94
C GLU E 50 -10.07 22.21 -10.86
N LYS E 51 -10.96 22.20 -9.86
CA LYS E 51 -12.02 23.20 -9.74
C LYS E 51 -11.94 23.85 -8.37
N PRO E 52 -11.04 24.82 -8.19
CA PRO E 52 -10.94 25.48 -6.89
C PRO E 52 -12.22 26.18 -6.50
N MSE E 53 -12.45 26.27 -5.19
CA MSE E 53 -13.65 26.91 -4.65
C MSE E 53 -13.40 27.48 -3.27
O MSE E 53 -12.64 26.91 -2.48
CB MSE E 53 -14.80 25.90 -4.60
CG MSE E 53 -16.14 26.49 -4.16
SE MSE E 53 -16.82 27.86 -5.38
CE MSE E 53 -16.88 26.81 -7.01
H MSE E 53 -11.92 25.97 -4.58
HA MSE E 53 -13.92 27.62 -5.25
HB2 MSE E 53 -14.93 25.53 -5.49
HB3 MSE E 53 -14.57 25.19 -3.98
HG2 MSE E 53 -16.80 25.78 -4.11
HG3 MSE E 53 -16.03 26.89 -3.28
HE1 MSE E 53 -17.27 27.35 -7.72
HE2 MSE E 53 -15.98 26.54 -7.26
HE3 MSE E 53 -17.43 26.02 -6.86
N ALA E 54 -14.02 28.62 -2.98
CA ALA E 54 -13.89 29.26 -1.68
C ALA E 54 -15.15 30.06 -1.40
N ILE E 55 -15.34 30.42 -0.13
CA ILE E 55 -16.58 31.07 0.29
C ILE E 55 -16.80 32.36 -0.49
N ASP E 56 -15.74 33.15 -0.71
CA ASP E 56 -15.90 34.40 -1.42
C ASP E 56 -16.43 34.19 -2.83
N ILE E 57 -15.96 33.13 -3.50
CA ILE E 57 -16.45 32.84 -4.84
C ILE E 57 -17.91 32.41 -4.80
N ILE E 58 -18.32 31.71 -3.75
CA ILE E 58 -19.72 31.29 -3.63
C ILE E 58 -20.63 32.49 -3.47
N LEU E 59 -20.29 33.40 -2.55
CA LEU E 59 -21.08 34.63 -2.41
C LEU E 59 -21.00 35.46 -3.68
N LYS E 60 -19.85 35.48 -4.34
CA LYS E 60 -19.70 36.24 -5.58
C LYS E 60 -20.60 35.67 -6.67
N ASN E 61 -20.79 34.35 -6.69
CA ASN E 61 -21.64 33.73 -7.70
C ASN E 61 -23.12 33.85 -7.34
N CYS E 62 -23.45 33.85 -6.05
CA CYS E 62 -24.83 34.07 -5.66
C CYS E 62 -25.28 35.51 -5.90
N LYS E 63 -24.34 36.45 -5.95
CA LYS E 63 -24.66 37.85 -6.22
C LYS E 63 -24.91 38.12 -7.70
N ASN E 64 -24.91 37.09 -8.53
CA ASN E 64 -25.18 37.24 -9.96
C ASN E 64 -26.08 36.08 -10.38
N GLY E 65 -26.13 35.80 -11.67
CA GLY E 65 -26.96 34.75 -12.21
C GLY E 65 -26.31 33.39 -12.32
N THR E 66 -25.14 33.20 -11.70
CA THR E 66 -24.44 31.93 -11.82
C THR E 66 -25.21 30.82 -11.11
N TYR E 67 -25.47 30.99 -9.82
CA TYR E 67 -26.21 30.02 -9.03
C TYR E 67 -27.67 30.43 -8.99
N LYS E 68 -28.51 29.72 -9.75
CA LYS E 68 -29.94 30.03 -9.83
C LYS E 68 -30.77 29.29 -8.81
N THR E 69 -30.25 28.23 -8.21
CA THR E 69 -30.97 27.43 -7.23
C THR E 69 -30.10 27.22 -6.00
N LEU E 70 -30.71 26.60 -4.98
CA LEU E 70 -29.98 26.35 -3.74
C LEU E 70 -29.14 25.08 -3.82
N GLU E 71 -29.57 24.10 -4.63
CA GLU E 71 -28.79 22.88 -4.78
C GLU E 71 -27.43 23.16 -5.39
N GLU E 72 -27.34 24.14 -6.29
CA GLU E 72 -26.06 24.49 -6.89
C GLU E 72 -25.11 25.08 -5.86
N VAL E 73 -25.64 25.69 -4.80
CA VAL E 73 -24.78 26.20 -3.74
C VAL E 73 -24.21 25.05 -2.91
N ARG E 74 -25.04 24.06 -2.58
CA ARG E 74 -24.54 22.88 -1.89
C ARG E 74 -23.52 22.14 -2.74
N GLN E 75 -23.78 22.03 -4.04
CA GLN E 75 -22.82 21.35 -4.92
C GLN E 75 -21.49 22.08 -4.96
N ALA E 76 -21.51 23.41 -4.86
CA ALA E 76 -20.27 24.16 -4.82
C ALA E 76 -19.55 23.97 -3.48
N LEU E 77 -20.31 23.95 -2.39
CA LEU E 77 -19.70 23.69 -1.08
C LEU E 77 -19.12 22.29 -1.03
N GLN E 78 -19.85 21.30 -1.58
CA GLN E 78 -19.35 19.93 -1.58
C GLN E 78 -18.02 19.84 -2.32
N THR E 79 -17.91 20.48 -3.49
CA THR E 79 -16.65 20.50 -4.20
C THR E 79 -15.56 21.15 -3.36
N MSE E 80 -15.89 22.23 -2.66
CA MSE E 80 -14.95 22.93 -1.81
C MSE E 80 -14.42 22.01 -0.72
O MSE E 80 -13.22 21.97 -0.44
CB MSE E 80 -15.60 24.17 -1.18
CG MSE E 80 -14.64 25.04 -0.38
SE MSE E 80 -15.55 26.56 0.46
CE MSE E 80 -16.55 25.60 1.83
H MSE E 80 -16.67 22.59 -2.67
HA MSE E 80 -14.19 23.24 -2.35
HB2 MSE E 80 -15.96 24.72 -1.90
HB3 MSE E 80 -16.31 23.87 -0.59
HG2 MSE E 80 -14.24 24.51 0.33
HG3 MSE E 80 -13.96 25.38 -0.97
HE1 MSE E 80 -17.07 26.23 2.34
HE2 MSE E 80 -17.14 24.96 1.39
HE3 MSE E 80 -15.93 25.13 2.41
N PHE E 81 -15.34 21.26 -0.10
CA PHE E 81 -14.95 20.35 0.97
C PHE E 81 -14.16 19.17 0.43
N GLU E 82 -14.56 18.64 -0.73
CA GLU E 82 -13.82 17.54 -1.32
C GLU E 82 -12.40 17.94 -1.65
N ASN E 83 -12.21 19.17 -2.17
CA ASN E 83 -10.87 19.65 -2.47
C ASN E 83 -9.99 19.62 -1.22
N ALA E 84 -10.51 20.11 -0.09
CA ALA E 84 -9.73 20.12 1.13
C ALA E 84 -9.35 18.72 1.58
N ARG E 85 -10.29 17.78 1.48
CA ARG E 85 -9.99 16.40 1.87
C ARG E 85 -9.06 15.71 0.88
N PHE E 86 -9.00 16.17 -0.36
CA PHE E 86 -8.11 15.56 -1.34
C PHE E 86 -6.69 16.09 -1.19
N TYR E 87 -6.53 17.38 -0.89
CA TYR E 87 -5.22 17.99 -0.84
C TYR E 87 -4.56 17.92 0.53
N ASN E 88 -5.33 17.92 1.61
CA ASN E 88 -4.79 17.95 2.95
C ASN E 88 -4.78 16.55 3.55
N GLU E 89 -3.76 16.26 4.35
CA GLU E 89 -3.61 14.95 4.97
C GLU E 89 -4.78 14.67 5.92
N GLU E 90 -5.23 13.42 5.92
CA GLU E 90 -6.27 13.02 6.87
C GLU E 90 -5.77 13.17 8.29
N GLY E 91 -6.57 13.82 9.13
CA GLY E 91 -6.23 14.09 10.50
C GLY E 91 -5.64 15.47 10.73
N SER E 92 -5.13 16.13 9.68
CA SER E 92 -4.66 17.48 9.83
C SER E 92 -5.81 18.41 10.20
N TRP E 93 -5.47 19.56 10.77
CA TRP E 93 -6.50 20.47 11.27
C TRP E 93 -7.36 21.02 10.14
N VAL E 94 -6.80 21.15 8.93
CA VAL E 94 -7.60 21.57 7.79
C VAL E 94 -8.59 20.48 7.40
N TYR E 95 -8.14 19.22 7.41
CA TYR E 95 -9.02 18.11 7.11
C TYR E 95 -10.17 18.02 8.11
N VAL E 96 -9.87 18.22 9.40
CA VAL E 96 -10.90 18.15 10.42
C VAL E 96 -11.91 19.28 10.26
N ASP E 97 -11.42 20.50 10.02
CA ASP E 97 -12.32 21.62 9.81
C ASP E 97 -13.29 21.35 8.66
N ALA E 98 -12.78 20.80 7.55
CA ALA E 98 -13.62 20.52 6.40
C ALA E 98 -14.74 19.55 6.77
N ASP E 99 -14.39 18.46 7.46
CA ASP E 99 -15.40 17.46 7.83
C ASP E 99 -16.46 18.07 8.74
N LYS E 100 -16.03 18.76 9.80
CA LYS E 100 -16.99 19.31 10.75
C LYS E 100 -17.82 20.43 10.11
N LEU E 101 -17.17 21.31 9.35
CA LEU E 101 -17.93 22.36 8.68
C LEU E 101 -18.89 21.77 7.65
N ASN E 102 -18.44 20.75 6.92
CA ASN E 102 -19.33 20.07 5.98
C ASN E 102 -20.48 19.39 6.71
N GLU E 103 -20.21 18.85 7.90
CA GLU E 103 -21.26 18.25 8.70
C GLU E 103 -22.30 19.29 9.12
N PHE E 104 -21.88 20.55 9.27
CA PHE E 104 -22.82 21.61 9.60
C PHE E 104 -23.68 21.98 8.39
N THR E 105 -23.05 22.15 7.22
CA THR E 105 -23.79 22.53 6.03
C THR E 105 -24.76 21.44 5.61
N ASP E 106 -24.37 20.16 5.77
CA ASP E 106 -25.29 19.07 5.47
C ASP E 106 -26.58 19.22 6.28
N GLU E 107 -26.45 19.53 7.57
CA GLU E 107 -27.64 19.73 8.39
C GLU E 107 -28.41 20.97 7.99
N TRP E 108 -27.72 22.00 7.49
CA TRP E 108 -28.40 23.23 7.09
C TRP E 108 -29.27 22.99 5.86
N PHE E 109 -28.79 22.20 4.90
CA PHE E 109 -29.58 21.90 3.72
C PHE E 109 -30.66 20.86 4.00
N LYS E 110 -30.43 19.97 4.97
CA LYS E 110 -31.42 18.96 5.29
C LYS E 110 -32.72 19.60 5.76
N GLU E 111 -32.65 20.78 6.37
CA GLU E 111 -33.85 21.44 6.88
C GLU E 111 -34.86 21.69 5.77
N HIS E 112 -34.40 21.87 4.53
CA HIS E 112 -35.29 22.13 3.41
C HIS E 112 -34.62 21.77 2.09
N GLY F 5 -2.81 -37.10 17.36
CA GLY F 5 -3.66 -36.48 18.35
C GLY F 5 -5.06 -36.21 17.83
N ILE F 6 -6.05 -36.30 18.71
CA ILE F 6 -7.43 -36.08 18.30
C ILE F 6 -7.66 -34.59 18.02
N PHE F 7 -7.02 -33.70 18.77
CA PHE F 7 -7.22 -32.27 18.56
C PHE F 7 -6.73 -31.82 17.19
N PRO F 8 -5.45 -32.03 16.83
CA PRO F 8 -4.99 -31.55 15.51
C PRO F 8 -5.77 -32.10 14.34
N THR F 9 -6.19 -33.37 14.41
CA THR F 9 -6.99 -33.94 13.34
C THR F 9 -8.32 -33.20 13.20
N VAL F 10 -8.98 -32.89 14.31
CA VAL F 10 -10.22 -32.14 14.24
C VAL F 10 -9.95 -30.68 13.93
N GLU F 11 -8.83 -30.14 14.41
CA GLU F 11 -8.47 -28.76 14.08
C GLU F 11 -8.33 -28.59 12.57
N LYS F 12 -7.74 -29.58 11.90
CA LYS F 12 -7.63 -29.52 10.44
C LYS F 12 -8.98 -29.72 9.76
N LEU F 13 -9.90 -30.44 10.42
CA LEU F 13 -11.24 -30.59 9.88
C LEU F 13 -11.99 -29.27 9.90
N VAL F 14 -11.83 -28.50 10.98
CA VAL F 14 -12.55 -27.22 11.09
C VAL F 14 -12.09 -26.26 10.02
N GLU F 15 -10.80 -26.28 9.67
CA GLU F 15 -10.29 -25.39 8.64
C GLU F 15 -10.85 -25.77 7.27
N GLU F 16 -11.02 -27.07 7.02
CA GLU F 16 -11.65 -27.50 5.77
C GLU F 16 -13.12 -27.12 5.75
N MSE F 17 -13.84 -27.31 6.85
CA MSE F 17 -15.22 -26.92 6.95
C MSE F 17 -15.39 -25.44 6.64
O MSE F 17 -16.35 -25.02 5.99
CB MSE F 17 -15.78 -27.24 8.33
CG MSE F 17 -15.90 -28.72 8.64
SE MSE F 17 -16.29 -29.06 10.52
CE MSE F 17 -18.01 -28.14 10.64
H MSE F 17 -13.52 -27.67 7.57
HA MSE F 17 -15.75 -27.44 6.31
HB2 MSE F 17 -15.19 -26.84 9.00
HB3 MSE F 17 -16.67 -26.85 8.42
HG2 MSE F 17 -16.60 -29.10 8.11
HG3 MSE F 17 -15.05 -29.15 8.44
HE1 MSE F 17 -18.36 -28.23 11.54
HE2 MSE F 17 -17.88 -27.20 10.42
HE3 MSE F 17 -18.63 -28.54 9.99
N ARG F 18 -14.42 -24.64 7.11
CA ARG F 18 -14.48 -23.20 6.91
C ARG F 18 -14.26 -22.80 5.46
N GLU F 19 -13.72 -23.70 4.63
CA GLU F 19 -13.52 -23.40 3.22
C GLU F 19 -14.71 -23.80 2.36
N GLN F 20 -15.76 -24.35 2.95
CA GLN F 20 -16.99 -24.66 2.22
C GLN F 20 -17.80 -23.38 2.10
N LEU F 21 -17.78 -22.78 0.91
CA LEU F 21 -18.38 -21.48 0.67
C LEU F 21 -19.68 -21.61 -0.13
N ASP F 22 -20.61 -20.70 0.14
CA ASP F 22 -21.84 -20.64 -0.62
C ASP F 22 -21.55 -20.24 -2.05
N GLU F 23 -22.13 -20.98 -3.01
CA GLU F 23 -21.79 -20.77 -4.41
C GLU F 23 -22.10 -19.35 -4.89
N VAL F 24 -23.00 -18.63 -4.21
CA VAL F 24 -23.44 -17.32 -4.66
C VAL F 24 -22.60 -16.23 -3.99
N ASP F 25 -22.90 -15.94 -2.72
CA ASP F 25 -22.24 -14.86 -2.00
C ASP F 25 -20.92 -15.31 -1.37
N SER F 26 -20.54 -16.58 -1.51
CA SER F 26 -19.24 -17.08 -1.05
C SER F 26 -19.08 -17.00 0.46
N HIS F 27 -20.18 -16.91 1.22
CA HIS F 27 -20.02 -16.88 2.67
C HIS F 27 -19.70 -18.28 3.19
N PRO F 28 -18.82 -18.40 4.19
CA PRO F 28 -18.51 -19.73 4.72
C PRO F 28 -19.75 -20.36 5.35
N ARG F 29 -20.01 -21.61 4.98
N ARG F 29 -20.01 -21.61 4.98
CA ARG F 29 -21.15 -22.34 5.52
CA ARG F 29 -21.16 -22.32 5.52
C ARG F 29 -21.00 -22.66 7.00
C ARG F 29 -21.00 -22.65 7.00
N THR F 30 -19.84 -22.39 7.58
CA THR F 30 -19.63 -22.56 9.02
C THR F 30 -19.92 -21.29 9.81
N SER F 31 -20.29 -20.21 9.12
CA SER F 31 -20.41 -18.91 9.78
C SER F 31 -21.40 -18.96 10.94
N ILE F 32 -22.56 -19.60 10.72
CA ILE F 32 -23.59 -19.64 11.76
C ILE F 32 -23.30 -20.66 12.85
N PHE F 33 -22.33 -21.55 12.64
CA PHE F 33 -21.99 -22.60 13.59
C PHE F 33 -20.75 -22.29 14.42
N GLU F 34 -20.09 -21.15 14.18
CA GLU F 34 -18.84 -20.87 14.88
C GLU F 34 -19.05 -20.84 16.40
N LYS F 35 -20.05 -20.10 16.86
CA LYS F 35 -20.27 -19.89 18.28
C LYS F 35 -21.76 -19.89 18.60
N LEU F 36 -22.07 -20.19 19.85
CA LEU F 36 -23.46 -20.19 20.30
C LEU F 36 -23.93 -18.76 20.58
N PRO F 37 -25.22 -18.49 20.44
CA PRO F 37 -25.73 -17.16 20.79
C PRO F 37 -25.55 -16.86 22.27
N SER F 38 -25.47 -15.58 22.60
CA SER F 38 -25.45 -15.16 24.00
C SER F 38 -26.85 -15.34 24.59
N LYS F 39 -26.91 -15.97 25.77
CA LYS F 39 -28.22 -16.37 26.30
C LYS F 39 -29.07 -15.16 26.69
N ARG F 40 -28.46 -14.13 27.27
CA ARG F 40 -29.25 -12.98 27.70
C ARG F 40 -29.96 -12.33 26.53
N ASP F 41 -29.37 -12.38 25.34
CA ASP F 41 -30.02 -11.83 24.14
C ASP F 41 -30.89 -12.85 23.42
N TYR F 42 -30.64 -14.15 23.63
CA TYR F 42 -31.37 -15.21 22.93
C TYR F 42 -31.77 -16.30 23.92
N PRO F 43 -32.62 -15.96 24.90
CA PRO F 43 -33.03 -16.98 25.87
C PRO F 43 -33.92 -18.06 25.28
N ASP F 44 -34.68 -17.74 24.23
CA ASP F 44 -35.60 -18.72 23.67
C ASP F 44 -34.84 -19.87 23.01
N TYR F 45 -33.71 -19.58 22.38
CA TYR F 45 -32.93 -20.64 21.73
C TYR F 45 -32.59 -21.75 22.71
N PHE F 46 -32.19 -21.38 23.93
CA PHE F 46 -31.77 -22.37 24.91
C PHE F 46 -32.93 -23.06 25.61
N LYS F 47 -34.16 -22.55 25.43
CA LYS F 47 -35.34 -23.29 25.83
C LYS F 47 -35.82 -24.26 24.75
N VAL F 48 -35.45 -24.01 23.50
CA VAL F 48 -35.81 -24.90 22.40
C VAL F 48 -34.80 -26.01 22.23
N ILE F 49 -33.52 -25.69 22.28
CA ILE F 49 -32.44 -26.65 22.01
C ILE F 49 -31.93 -27.19 23.34
N GLU F 50 -32.09 -28.49 23.55
CA GLU F 50 -31.73 -29.12 24.81
C GLU F 50 -30.22 -29.30 24.95
N LYS F 51 -29.51 -29.56 23.86
CA LYS F 51 -28.08 -29.84 23.87
C LYS F 51 -27.39 -28.93 22.86
N PRO F 52 -27.16 -27.67 23.21
CA PRO F 52 -26.53 -26.75 22.26
C PRO F 52 -25.12 -27.21 21.91
N MSE F 53 -24.71 -26.91 20.68
CA MSE F 53 -23.37 -27.27 20.20
C MSE F 53 -22.90 -26.28 19.14
O MSE F 53 -23.69 -25.80 18.33
CB MSE F 53 -23.38 -28.69 19.64
CG MSE F 53 -22.01 -29.19 19.20
SE MSE F 53 -20.70 -29.24 20.65
CE MSE F 53 -21.61 -30.52 21.82
H MSE F 53 -25.19 -26.49 20.10
HA MSE F 53 -22.76 -27.25 20.95
HB2 MSE F 53 -23.70 -29.30 20.33
HB3 MSE F 53 -23.96 -28.72 18.87
HG2 MSE F 53 -22.10 -30.09 18.85
HG3 MSE F 53 -21.67 -28.60 18.51
HE1 MSE F 53 -21.05 -30.69 22.60
HE2 MSE F 53 -22.46 -30.15 22.09
HE3 MSE F 53 -21.75 -31.35 21.33
N ALA F 54 -21.60 -25.98 19.16
CA ALA F 54 -21.00 -25.07 18.20
C ALA F 54 -19.58 -25.51 17.94
N ILE F 55 -18.98 -24.93 16.89
CA ILE F 55 -17.64 -25.33 16.48
C ILE F 55 -16.63 -25.09 17.59
N ASP F 56 -16.70 -23.92 18.23
CA ASP F 56 -15.73 -23.61 19.27
C ASP F 56 -15.81 -24.58 20.43
N ILE F 57 -17.00 -25.08 20.75
CA ILE F 57 -17.14 -26.04 21.83
C ILE F 57 -16.52 -27.38 21.44
N ILE F 58 -16.68 -27.79 20.18
CA ILE F 58 -16.10 -29.06 19.75
C ILE F 58 -14.59 -29.03 19.88
N LEU F 59 -13.96 -27.89 19.56
CA LEU F 59 -12.51 -27.78 19.71
C LEU F 59 -12.12 -27.78 21.18
N LYS F 60 -12.87 -27.07 22.02
CA LYS F 60 -12.60 -27.08 23.45
C LYS F 60 -12.71 -28.49 24.02
N ASN F 61 -13.68 -29.26 23.53
CA ASN F 61 -13.86 -30.62 24.02
C ASN F 61 -12.81 -31.58 23.46
N CYS F 62 -12.25 -31.27 22.29
CA CYS F 62 -11.15 -32.06 21.77
C CYS F 62 -9.83 -31.69 22.41
N LYS F 63 -9.63 -30.40 22.71
CA LYS F 63 -8.39 -29.96 23.31
C LYS F 63 -8.17 -30.62 24.67
N ASN F 64 -9.23 -30.79 25.44
CA ASN F 64 -9.16 -31.50 26.71
C ASN F 64 -9.61 -32.95 26.50
N GLY F 65 -9.92 -33.65 27.58
CA GLY F 65 -10.26 -35.05 27.52
C GLY F 65 -11.73 -35.35 27.30
N THR F 66 -12.55 -34.35 26.99
CA THR F 66 -13.97 -34.59 26.79
C THR F 66 -14.21 -35.52 25.60
N TYR F 67 -13.62 -35.21 24.46
CA TYR F 67 -13.69 -36.04 23.26
C TYR F 67 -12.34 -36.73 23.08
N LYS F 68 -12.29 -38.02 23.39
CA LYS F 68 -11.08 -38.83 23.23
C LYS F 68 -11.24 -39.85 22.11
N THR F 69 -11.92 -39.45 21.05
CA THR F 69 -12.13 -40.31 19.88
C THR F 69 -12.69 -39.45 18.76
N LEU F 70 -12.89 -40.08 17.59
CA LEU F 70 -13.38 -39.38 16.42
C LEU F 70 -14.88 -39.55 16.20
N GLU F 71 -15.46 -40.65 16.68
CA GLU F 71 -16.91 -40.83 16.56
C GLU F 71 -17.67 -39.88 17.48
N GLU F 72 -17.10 -39.55 18.63
CA GLU F 72 -17.74 -38.57 19.51
C GLU F 72 -17.82 -37.20 18.85
N VAL F 73 -16.83 -36.86 18.02
CA VAL F 73 -16.92 -35.62 17.26
C VAL F 73 -18.01 -35.71 16.20
N ARG F 74 -18.12 -36.87 15.56
CA ARG F 74 -19.16 -37.04 14.54
C ARG F 74 -20.55 -36.90 15.17
N GLN F 75 -20.76 -37.50 16.34
N GLN F 75 -20.76 -37.49 16.34
CA GLN F 75 -22.05 -37.38 17.00
CA GLN F 75 -22.05 -37.38 17.00
C GLN F 75 -22.30 -35.96 17.48
C GLN F 75 -22.30 -35.96 17.49
N ALA F 76 -21.25 -35.27 17.94
CA ALA F 76 -21.40 -33.89 18.36
C ALA F 76 -21.79 -33.00 17.17
N LEU F 77 -21.16 -33.23 16.02
CA LEU F 77 -21.54 -32.49 14.82
C LEU F 77 -22.95 -32.84 14.38
N GLN F 78 -23.35 -34.10 14.55
CA GLN F 78 -24.71 -34.49 14.22
C GLN F 78 -25.72 -33.69 15.04
N THR F 79 -25.47 -33.58 16.35
CA THR F 79 -26.35 -32.78 17.20
C THR F 79 -26.40 -31.33 16.74
N MSE F 80 -25.25 -30.77 16.35
CA MSE F 80 -25.19 -29.39 15.89
C MSE F 80 -26.09 -29.17 14.69
O MSE F 80 -26.88 -28.23 14.66
CB MSE F 80 -23.74 -29.03 15.55
CG MSE F 80 -23.49 -27.54 15.44
SE MSE F 80 -21.62 -27.17 15.00
CE MSE F 80 -21.63 -27.72 13.14
H MSE F 80 -24.50 -31.18 16.35
HA MSE F 80 -25.47 -28.81 16.62
HB2 MSE F 80 -23.17 -29.37 16.24
HB3 MSE F 80 -23.52 -29.43 14.70
HG2 MSE F 80 -24.04 -27.16 14.74
HG3 MSE F 80 -23.68 -27.11 16.28
HE1 MSE F 80 -20.75 -27.59 12.76
HE2 MSE F 80 -21.88 -28.66 13.08
HE3 MSE F 80 -22.28 -27.18 12.65
N PHE F 81 -25.95 -30.05 13.70
CA PHE F 81 -26.76 -29.92 12.49
C PHE F 81 -28.23 -30.20 12.77
N GLU F 82 -28.52 -31.14 13.66
CA GLU F 82 -29.92 -31.41 14.02
C GLU F 82 -30.55 -30.21 14.72
N ASN F 83 -29.82 -29.58 15.64
CA ASN F 83 -30.34 -28.40 16.31
C ASN F 83 -30.68 -27.30 15.31
N ALA F 84 -29.78 -27.06 14.35
CA ALA F 84 -30.02 -26.02 13.35
C ALA F 84 -31.27 -26.33 12.53
N ARG F 85 -31.42 -27.59 12.10
CA ARG F 85 -32.58 -27.95 11.28
C ARG F 85 -33.85 -27.96 12.09
N PHE F 86 -33.76 -28.19 13.41
CA PHE F 86 -34.95 -28.14 14.24
C PHE F 86 -35.40 -26.70 14.47
N TYR F 87 -34.44 -25.81 14.75
CA TYR F 87 -34.80 -24.44 15.14
C TYR F 87 -35.13 -23.57 13.92
N ASN F 88 -34.41 -23.74 12.83
CA ASN F 88 -34.54 -22.87 11.67
C ASN F 88 -35.49 -23.45 10.64
N GLU F 89 -36.24 -22.58 9.98
CA GLU F 89 -37.24 -23.01 9.02
C GLU F 89 -36.59 -23.79 7.87
N GLU F 90 -37.27 -24.83 7.42
CA GLU F 90 -36.85 -25.54 6.22
C GLU F 90 -36.74 -24.57 5.06
N GLY F 91 -35.64 -24.67 4.31
CA GLY F 91 -35.39 -23.80 3.18
C GLY F 91 -34.67 -22.51 3.51
N SER F 92 -34.68 -22.08 4.76
CA SER F 92 -33.91 -20.91 5.15
C SER F 92 -32.42 -21.17 4.91
N TRP F 93 -31.65 -20.09 4.81
CA TRP F 93 -30.24 -20.24 4.47
C TRP F 93 -29.47 -20.99 5.56
N VAL F 94 -29.89 -20.85 6.81
CA VAL F 94 -29.26 -21.63 7.89
C VAL F 94 -29.53 -23.12 7.70
N TYR F 95 -30.79 -23.46 7.40
CA TYR F 95 -31.13 -24.87 7.16
C TYR F 95 -30.34 -25.42 5.97
N VAL F 96 -30.14 -24.59 4.94
CA VAL F 96 -29.41 -25.05 3.75
C VAL F 96 -27.93 -25.23 4.06
N ASP F 97 -27.34 -24.32 4.84
CA ASP F 97 -25.94 -24.46 5.20
C ASP F 97 -25.70 -25.72 6.02
N ALA F 98 -26.63 -26.04 6.93
CA ALA F 98 -26.48 -27.24 7.74
C ALA F 98 -26.46 -28.49 6.87
N ASP F 99 -27.42 -28.59 5.94
CA ASP F 99 -27.44 -29.73 5.03
C ASP F 99 -26.16 -29.79 4.20
N LYS F 100 -25.77 -28.67 3.58
CA LYS F 100 -24.56 -28.64 2.76
C LYS F 100 -23.34 -29.02 3.59
N LEU F 101 -23.14 -28.33 4.71
CA LEU F 101 -21.96 -28.60 5.54
C LEU F 101 -21.98 -30.01 6.11
N ASN F 102 -23.17 -30.49 6.50
CA ASN F 102 -23.27 -31.85 7.03
C ASN F 102 -22.95 -32.89 5.97
N GLU F 103 -23.33 -32.62 4.71
CA GLU F 103 -22.97 -33.52 3.63
C GLU F 103 -21.47 -33.55 3.39
N PHE F 104 -20.75 -32.51 3.80
CA PHE F 104 -19.30 -32.51 3.67
C PHE F 104 -18.65 -33.31 4.80
N THR F 105 -19.08 -33.08 6.04
CA THR F 105 -18.50 -33.82 7.16
C THR F 105 -18.77 -35.31 7.05
N ASP F 106 -19.99 -35.68 6.62
CA ASP F 106 -20.30 -37.08 6.38
C ASP F 106 -19.26 -37.71 5.47
N GLU F 107 -18.95 -37.05 4.36
CA GLU F 107 -17.93 -37.56 3.45
C GLU F 107 -16.56 -37.59 4.12
N TRP F 108 -16.23 -36.53 4.87
CA TRP F 108 -14.94 -36.47 5.54
C TRP F 108 -14.73 -37.69 6.43
N PHE F 109 -15.70 -37.99 7.29
CA PHE F 109 -15.58 -39.14 8.18
C PHE F 109 -15.52 -40.44 7.41
N LYS F 110 -16.16 -40.51 6.25
CA LYS F 110 -16.07 -41.70 5.41
C LYS F 110 -14.73 -41.77 4.69
N GLU F 111 -14.30 -40.65 4.11
CA GLU F 111 -12.98 -40.61 3.48
C GLU F 111 -11.88 -40.89 4.51
N HIS F 112 -11.96 -40.23 5.67
CA HIS F 112 -10.98 -40.44 6.73
C HIS F 112 -11.17 -41.77 7.45
N SER F 113 -12.23 -42.52 7.12
CA SER F 113 -12.49 -43.82 7.75
C SER F 113 -12.77 -43.64 9.24
N MSE G 4 -4.50 43.18 35.45
CA MSE G 4 -5.19 42.14 34.71
C MSE G 4 -4.21 41.06 34.24
O MSE G 4 -3.10 41.36 33.81
CB MSE G 4 -5.92 42.73 33.48
CG MSE G 4 -6.93 43.82 33.82
SE MSE G 4 -8.37 43.22 34.97
CE MSE G 4 -7.57 43.61 36.71
HA MSE G 4 -5.85 41.74 35.28
HB2 MSE G 4 -5.26 43.10 32.89
HB3 MSE G 4 -6.40 42.01 33.04
HG2 MSE G 4 -6.46 44.54 34.27
HG3 MSE G 4 -7.31 44.14 32.99
HE1 MSE G 4 -8.16 43.28 37.41
HE2 MSE G 4 -6.71 43.18 36.77
HE3 MSE G 4 -7.48 44.57 36.80
N GLY G 5 -4.63 39.80 34.35
CA GLY G 5 -3.79 38.72 33.87
C GLY G 5 -3.45 38.88 32.40
N ILE G 6 -2.29 38.35 32.03
CA ILE G 6 -1.83 38.49 30.65
C ILE G 6 -2.77 37.78 29.69
N PHE G 7 -3.30 36.62 30.09
CA PHE G 7 -4.11 35.84 29.16
C PHE G 7 -5.46 36.48 28.90
N PRO G 8 -6.26 36.87 29.90
CA PRO G 8 -7.52 37.56 29.60
C PRO G 8 -7.33 38.77 28.71
N THR G 9 -6.32 39.60 28.99
CA THR G 9 -6.06 40.77 28.15
C THR G 9 -5.77 40.36 26.71
N VAL G 10 -4.88 39.37 26.53
CA VAL G 10 -4.56 38.92 25.18
C VAL G 10 -5.74 38.20 24.54
N GLU G 11 -6.54 37.50 25.34
CA GLU G 11 -7.72 36.83 24.80
C GLU G 11 -8.69 37.85 24.22
N LYS G 12 -8.94 38.95 24.93
CA LYS G 12 -9.80 40.00 24.40
C LYS G 12 -9.21 40.61 23.13
N LEU G 13 -7.89 40.79 23.09
CA LEU G 13 -7.25 41.32 21.90
C LEU G 13 -7.52 40.42 20.68
N VAL G 14 -7.34 39.12 20.85
CA VAL G 14 -7.57 38.19 19.74
C VAL G 14 -9.02 38.27 19.28
N GLU G 15 -9.96 38.38 20.22
CA GLU G 15 -11.36 38.49 19.85
C GLU G 15 -11.62 39.75 19.03
N GLU G 16 -10.92 40.84 19.36
CA GLU G 16 -11.05 42.06 18.58
C GLU G 16 -10.36 41.93 17.23
N MSE G 17 -9.20 41.29 17.19
CA MSE G 17 -8.50 41.04 15.93
C MSE G 17 -9.40 40.26 14.99
O MSE G 17 -9.49 40.57 13.79
CB MSE G 17 -7.20 40.27 16.17
CG MSE G 17 -6.14 41.07 16.89
SE MSE G 17 -4.58 39.99 17.37
CE MSE G 17 -4.05 39.42 15.58
H MSE G 17 -8.80 40.98 17.88
HA MSE G 17 -8.27 41.89 15.53
HB2 MSE G 17 -7.40 39.49 16.71
HB3 MSE G 17 -6.84 40.00 15.31
HG2 MSE G 17 -5.84 41.79 16.32
HG3 MSE G 17 -6.51 41.43 17.71
HE1 MSE G 17 -3.26 38.87 15.65
HE2 MSE G 17 -4.78 38.91 15.19
HE3 MSE G 17 -3.88 40.22 15.04
N ARG G 18 -10.08 39.24 15.53
CA ARG G 18 -10.98 38.42 14.72
C ARG G 18 -12.19 39.18 14.20
N GLU G 19 -12.44 40.40 14.70
CA GLU G 19 -13.54 41.22 14.22
C GLU G 19 -13.10 42.19 13.13
N GLN G 20 -11.80 42.34 12.89
CA GLN G 20 -11.32 43.16 11.78
C GLN G 20 -11.58 42.42 10.47
N LEU G 21 -12.55 42.92 9.69
CA LEU G 21 -13.00 42.25 8.48
C LEU G 21 -12.51 42.99 7.25
N ASP G 22 -12.31 42.23 6.16
CA ASP G 22 -12.00 42.83 4.88
C ASP G 22 -13.15 43.71 4.42
N GLU G 23 -12.83 44.77 3.67
CA GLU G 23 -13.85 45.73 3.27
C GLU G 23 -14.82 45.14 2.27
N VAL G 24 -14.38 44.19 1.45
CA VAL G 24 -15.19 43.67 0.36
C VAL G 24 -15.90 42.39 0.81
N ASP G 25 -15.17 41.27 0.81
CA ASP G 25 -15.76 39.97 1.09
C ASP G 25 -16.00 39.75 2.59
N SER G 26 -15.58 40.66 3.45
CA SER G 26 -15.85 40.62 4.88
C SER G 26 -15.15 39.48 5.60
N HIS G 27 -14.20 38.80 4.95
CA HIS G 27 -13.51 37.70 5.62
C HIS G 27 -12.64 38.25 6.75
N PRO G 28 -12.58 37.57 7.89
CA PRO G 28 -11.73 38.07 8.98
C PRO G 28 -10.26 38.12 8.57
N ARG G 29 -9.61 39.24 8.86
CA ARG G 29 -8.20 39.39 8.55
C ARG G 29 -7.32 38.45 9.37
N THR G 30 -7.87 37.82 10.40
CA THR G 30 -7.15 36.83 11.18
C THR G 30 -7.25 35.43 10.59
N SER G 31 -8.07 35.23 9.55
CA SER G 31 -8.38 33.89 9.07
C SER G 31 -7.11 33.11 8.73
N ILE G 32 -6.15 33.76 8.07
CA ILE G 32 -4.93 33.08 7.63
C ILE G 32 -3.86 33.04 8.71
N PHE G 33 -4.14 33.59 9.90
CA PHE G 33 -3.18 33.62 11.00
C PHE G 33 -3.61 32.75 12.17
N GLU G 34 -4.71 32.01 12.05
CA GLU G 34 -5.22 31.24 13.18
C GLU G 34 -4.25 30.14 13.59
N LYS G 35 -3.81 29.34 12.62
CA LYS G 35 -2.95 28.19 12.92
C LYS G 35 -1.87 28.07 11.85
N LEU G 36 -0.80 27.37 12.21
CA LEU G 36 0.30 27.13 11.29
C LEU G 36 -0.06 26.02 10.31
N PRO G 37 0.51 26.05 9.10
CA PRO G 37 0.31 24.93 8.17
C PRO G 37 0.85 23.63 8.76
N SER G 38 0.27 22.52 8.32
CA SER G 38 0.82 21.22 8.68
C SER G 38 2.11 20.99 7.91
N LYS G 39 3.17 20.63 8.63
CA LYS G 39 4.49 20.56 7.98
C LYS G 39 4.54 19.48 6.91
N ARG G 40 3.80 18.39 7.09
CA ARG G 40 3.85 17.32 6.11
C ARG G 40 3.30 17.77 4.76
N ASP G 41 2.24 18.59 4.77
CA ASP G 41 1.68 19.12 3.54
C ASP G 41 2.40 20.39 3.06
N TYR G 42 3.06 21.12 3.96
CA TYR G 42 3.71 22.39 3.63
C TYR G 42 5.12 22.42 4.18
N PRO G 43 5.99 21.51 3.71
CA PRO G 43 7.36 21.48 4.24
C PRO G 43 8.19 22.71 3.86
N ASP G 44 7.94 23.30 2.70
CA ASP G 44 8.74 24.45 2.27
C ASP G 44 8.54 25.64 3.20
N TYR G 45 7.32 25.84 3.70
CA TYR G 45 7.07 26.99 4.56
C TYR G 45 8.02 27.01 5.75
N PHE G 46 8.23 25.85 6.38
CA PHE G 46 9.08 25.78 7.55
C PHE G 46 10.57 25.77 7.20
N LYS G 47 10.92 25.65 5.93
CA LYS G 47 12.29 25.90 5.48
C LYS G 47 12.53 27.37 5.20
N VAL G 48 11.48 28.11 4.85
CA VAL G 48 11.60 29.54 4.62
C VAL G 48 11.53 30.30 5.93
N ILE G 49 10.52 30.01 6.75
CA ILE G 49 10.26 30.75 7.99
C ILE G 49 11.02 30.10 9.13
N GLU G 50 11.89 30.87 9.78
CA GLU G 50 12.73 30.33 10.85
C GLU G 50 12.01 30.27 12.18
N LYS G 51 11.10 31.21 12.45
CA LYS G 51 10.37 31.27 13.71
C LYS G 51 8.88 31.32 13.40
N PRO G 52 8.25 30.18 13.11
CA PRO G 52 6.82 30.18 12.81
C PRO G 52 6.00 30.66 13.99
N MSE G 53 4.91 31.37 13.70
CA MSE G 53 4.04 31.90 14.73
C MSE G 53 2.60 32.00 14.23
O MSE G 53 2.37 32.34 13.07
CB MSE G 53 4.53 33.27 15.19
CG MSE G 53 3.74 33.89 16.34
SE MSE G 53 3.78 32.82 17.96
CE MSE G 53 5.71 32.75 18.23
H MSE G 53 4.66 31.55 12.89
HA MSE G 53 4.06 31.30 15.50
HB2 MSE G 53 5.46 33.18 15.50
HB3 MSE G 53 4.50 33.89 14.44
HG2 MSE G 53 4.11 34.76 16.54
HG3 MSE G 53 2.81 33.98 16.06
HE1 MSE G 53 5.90 32.30 19.06
HE2 MSE G 53 6.12 32.27 17.48
HE3 MSE G 53 6.05 33.66 18.25
N ALA G 54 1.65 31.72 15.12
CA ALA G 54 0.24 31.81 14.79
C ALA G 54 -0.54 32.18 16.04
N ILE G 55 -1.80 32.57 15.84
CA ILE G 55 -2.61 33.07 16.97
C ILE G 55 -2.74 31.99 18.04
N ASP G 56 -3.01 30.75 17.63
CA ASP G 56 -3.19 29.68 18.62
C ASP G 56 -1.96 29.51 19.50
N ILE G 57 -0.77 29.73 18.95
CA ILE G 57 0.44 29.62 19.75
C ILE G 57 0.53 30.76 20.74
N ILE G 58 0.13 31.96 20.32
CA ILE G 58 0.23 33.13 21.20
C ILE G 58 -0.65 32.94 22.43
N LEU G 59 -1.88 32.46 22.23
CA LEU G 59 -2.78 32.24 23.36
C LEU G 59 -2.24 31.17 24.30
N LYS G 60 -1.78 30.05 23.75
CA LYS G 60 -1.24 28.99 24.59
C LYS G 60 -0.03 29.50 25.37
N ASN G 61 0.84 30.27 24.73
CA ASN G 61 2.01 30.81 25.43
C ASN G 61 1.62 31.84 26.49
N CYS G 62 0.40 32.39 26.43
CA CYS G 62 -0.10 33.25 27.48
C CYS G 62 -0.77 32.47 28.62
N LYS G 63 -1.07 31.20 28.41
CA LYS G 63 -1.66 30.36 29.44
C LYS G 63 -0.66 29.51 30.20
N ASN G 64 0.56 29.36 29.68
CA ASN G 64 1.55 28.48 30.29
C ASN G 64 2.76 29.23 30.81
N GLY G 65 2.70 30.56 30.90
CA GLY G 65 3.77 31.35 31.47
C GLY G 65 4.87 31.75 30.51
N THR G 66 4.84 31.28 29.27
CA THR G 66 5.88 31.64 28.31
C THR G 66 5.90 33.15 28.09
N TYR G 67 4.76 33.72 27.70
CA TYR G 67 4.60 35.16 27.61
C TYR G 67 3.99 35.67 28.92
N LYS G 68 4.74 36.49 29.64
CA LYS G 68 4.27 37.08 30.88
C LYS G 68 3.95 38.56 30.77
N THR G 69 4.55 39.27 29.81
CA THR G 69 4.32 40.69 29.62
C THR G 69 3.64 40.94 28.28
N LEU G 70 3.01 42.10 28.18
CA LEU G 70 2.29 42.44 26.96
C LEU G 70 3.24 42.77 25.82
N GLU G 71 4.45 43.24 26.13
CA GLU G 71 5.42 43.53 25.08
C GLU G 71 5.87 42.24 24.39
N GLU G 72 6.04 41.16 25.15
CA GLU G 72 6.39 39.88 24.55
C GLU G 72 5.35 39.46 23.51
N VAL G 73 4.08 39.75 23.78
CA VAL G 73 3.03 39.41 22.82
C VAL G 73 3.14 40.26 21.57
N ARG G 74 3.38 41.57 21.73
CA ARG G 74 3.54 42.44 20.57
C ARG G 74 4.70 42.00 19.70
N GLN G 75 5.77 41.49 20.31
CA GLN G 75 6.91 41.00 19.54
C GLN G 75 6.55 39.71 18.81
N ALA G 76 5.78 38.84 19.45
CA ALA G 76 5.32 37.62 18.80
C ALA G 76 4.47 37.96 17.57
N LEU G 77 3.50 38.87 17.74
CA LEU G 77 2.69 39.30 16.61
C LEU G 77 3.55 39.90 15.51
N GLN G 78 4.56 40.69 15.89
CA GLN G 78 5.44 41.28 14.89
C GLN G 78 6.14 40.21 14.07
N THR G 79 6.66 39.17 14.73
CA THR G 79 7.24 38.04 14.00
C THR G 79 6.21 37.41 13.07
N MSE G 80 4.99 37.22 13.56
CA MSE G 80 3.92 36.62 12.77
C MSE G 80 3.66 37.44 11.50
O MSE G 80 3.56 36.89 10.41
CB MSE G 80 2.65 36.52 13.60
CG MSE G 80 1.54 35.69 12.97
SE MSE G 80 -0.06 35.62 14.09
CE MSE G 80 -0.63 37.48 13.92
H MSE G 80 4.75 37.44 14.36
HA MSE G 80 4.18 35.72 12.51
HB2 MSE G 80 2.86 36.12 14.46
HB3 MSE G 80 2.29 37.42 13.73
HG2 MSE G 80 1.30 36.09 12.11
HG3 MSE G 80 1.86 34.78 12.84
HE1 MSE G 80 -1.45 37.61 14.42
HE2 MSE G 80 0.07 38.06 14.26
HE3 MSE G 80 -0.78 37.68 12.97
N PHE G 81 3.57 38.76 11.67
CA PHE G 81 3.33 39.63 10.52
C PHE G 81 4.55 39.71 9.62
N GLU G 82 5.76 39.69 10.21
CA GLU G 82 6.97 39.71 9.39
C GLU G 82 7.09 38.44 8.56
N ASN G 83 6.79 37.29 9.16
CA ASN G 83 6.81 36.04 8.40
C ASN G 83 5.86 36.11 7.21
N ALA G 84 4.65 36.61 7.44
CA ALA G 84 3.66 36.67 6.37
C ALA G 84 4.13 37.59 5.24
N ARG G 85 4.69 38.75 5.60
CA ARG G 85 5.16 39.68 4.57
C ARG G 85 6.33 39.12 3.79
N PHE G 86 7.12 38.24 4.39
CA PHE G 86 8.28 37.67 3.69
C PHE G 86 7.86 36.52 2.78
N TYR G 87 6.96 35.66 3.25
CA TYR G 87 6.64 34.47 2.47
C TYR G 87 5.62 34.75 1.36
N ASN G 88 4.74 35.74 1.55
CA ASN G 88 3.68 36.01 0.59
C ASN G 88 4.04 37.22 -0.26
N GLU G 89 3.69 37.15 -1.55
CA GLU G 89 4.02 38.21 -2.48
C GLU G 89 3.39 39.54 -2.05
N GLU G 90 4.10 40.63 -2.34
CA GLU G 90 3.56 41.95 -2.06
C GLU G 90 2.34 42.20 -2.92
N GLY G 91 1.27 42.71 -2.28
CA GLY G 91 0.01 42.97 -2.94
C GLY G 91 -1.00 41.86 -2.78
N SER G 92 -0.55 40.63 -2.58
CA SER G 92 -1.47 39.52 -2.40
C SER G 92 -2.36 39.76 -1.18
N TRP G 93 -3.49 39.06 -1.13
CA TRP G 93 -4.46 39.31 -0.08
C TRP G 93 -3.92 38.93 1.29
N VAL G 94 -3.08 37.90 1.37
CA VAL G 94 -2.45 37.57 2.64
C VAL G 94 -1.51 38.69 3.08
N TYR G 95 -0.74 39.24 2.13
CA TYR G 95 0.16 40.33 2.46
C TYR G 95 -0.61 41.55 2.99
N VAL G 96 -1.73 41.88 2.33
CA VAL G 96 -2.53 43.02 2.78
C VAL G 96 -3.10 42.76 4.16
N ASP G 97 -3.61 41.55 4.40
CA ASP G 97 -4.13 41.21 5.72
C ASP G 97 -3.06 41.38 6.79
N ALA G 98 -1.80 41.08 6.46
CA ALA G 98 -0.73 41.26 7.43
C ALA G 98 -0.52 42.74 7.77
N ASP G 99 -0.52 43.60 6.75
CA ASP G 99 -0.30 45.02 7.00
C ASP G 99 -1.48 45.63 7.75
N LYS G 100 -2.70 45.40 7.27
CA LYS G 100 -3.85 46.03 7.89
C LYS G 100 -4.08 45.53 9.31
N LEU G 101 -3.90 44.22 9.53
CA LEU G 101 -4.04 43.71 10.89
C LEU G 101 -2.92 44.21 11.79
N ASN G 102 -1.69 44.26 11.27
CA ASN G 102 -0.59 44.84 12.04
C ASN G 102 -0.87 46.30 12.36
N GLU G 103 -1.43 47.04 11.40
CA GLU G 103 -1.79 48.43 11.66
C GLU G 103 -2.74 48.54 12.84
N PHE G 104 -3.65 47.56 12.97
CA PHE G 104 -4.58 47.58 14.10
C PHE G 104 -3.87 47.24 15.41
N THR G 105 -3.04 46.19 15.40
CA THR G 105 -2.36 45.78 16.62
C THR G 105 -1.43 46.88 17.11
N ASP G 106 -0.78 47.61 16.19
CA ASP G 106 0.03 48.75 16.59
C ASP G 106 -0.82 49.80 17.30
N GLU G 107 -2.05 50.02 16.83
CA GLU G 107 -2.94 50.98 17.48
C GLU G 107 -3.45 50.47 18.81
N TRP G 108 -3.57 49.15 18.95
CA TRP G 108 -4.11 48.59 20.18
C TRP G 108 -3.11 48.66 21.32
N PHE G 109 -1.85 48.29 21.05
CA PHE G 109 -0.85 48.23 22.12
C PHE G 109 -0.57 49.62 22.67
N LYS G 110 -0.59 50.66 21.82
CA LYS G 110 -0.33 52.00 22.31
C LYS G 110 -1.37 52.46 23.31
N GLU G 111 -2.56 51.88 23.29
CA GLU G 111 -3.61 52.19 24.25
C GLU G 111 -3.59 51.29 25.47
N HIS G 112 -2.72 50.28 25.49
CA HIS G 112 -2.60 49.37 26.63
C HIS G 112 -1.15 49.22 27.09
N SER G 113 -0.28 50.16 26.72
CA SER G 113 1.14 50.09 27.03
C SER G 113 1.48 50.69 28.39
N SER G 114 0.49 50.95 29.23
CA SER G 114 0.73 51.51 30.56
C SER G 114 1.46 52.85 30.45
N GLY H 5 -12.69 -0.25 -10.35
CA GLY H 5 -14.08 -0.59 -10.47
C GLY H 5 -14.87 -0.32 -9.20
N ILE H 6 -16.17 -0.61 -9.23
CA ILE H 6 -17.05 -0.40 -8.08
C ILE H 6 -17.35 -1.71 -7.36
N PHE H 7 -17.77 -2.73 -8.09
CA PHE H 7 -18.07 -4.03 -7.49
C PHE H 7 -16.78 -4.79 -7.22
N PRO H 8 -15.82 -4.80 -8.14
CA PRO H 8 -14.55 -5.48 -7.85
C PRO H 8 -13.86 -4.93 -6.61
N THR H 9 -13.90 -3.62 -6.41
CA THR H 9 -13.27 -3.03 -5.22
C THR H 9 -14.00 -3.45 -3.95
N VAL H 10 -15.34 -3.40 -3.96
CA VAL H 10 -16.09 -3.80 -2.78
C VAL H 10 -15.93 -5.29 -2.53
N GLU H 11 -15.94 -6.11 -3.59
CA GLU H 11 -15.71 -7.54 -3.42
C GLU H 11 -14.33 -7.81 -2.83
N LYS H 12 -13.35 -6.97 -3.16
CA LYS H 12 -12.02 -7.10 -2.55
C LYS H 12 -12.07 -6.74 -1.08
N LEU H 13 -12.81 -5.69 -0.72
CA LEU H 13 -12.93 -5.31 0.68
C LEU H 13 -13.52 -6.45 1.51
N VAL H 14 -14.58 -7.07 1.00
CA VAL H 14 -15.25 -8.14 1.74
C VAL H 14 -14.28 -9.30 1.98
N GLU H 15 -13.47 -9.64 0.98
CA GLU H 15 -12.53 -10.73 1.14
C GLU H 15 -11.52 -10.44 2.24
N GLU H 16 -11.10 -9.18 2.37
CA GLU H 16 -10.18 -8.83 3.44
C GLU H 16 -10.89 -8.84 4.80
N MSE H 17 -12.11 -8.34 4.85
CA MSE H 17 -12.89 -8.37 6.08
C MSE H 17 -13.01 -9.80 6.60
O MSE H 17 -12.89 -10.05 7.79
CB MSE H 17 -14.29 -7.78 5.85
CG MSE H 17 -14.31 -6.29 5.55
SE MSE H 17 -16.07 -5.65 5.00
CE MSE H 17 -17.08 -6.13 6.60
H MSE H 17 -12.52 -7.96 4.19
HA MSE H 17 -12.47 -7.82 6.75
HB2 MSE H 17 -14.70 -8.23 5.10
HB3 MSE H 17 -14.82 -7.91 6.65
HG2 MSE H 17 -14.04 -5.79 6.34
HG3 MSE H 17 -13.69 -6.11 4.82
HE1 MSE H 17 -18.00 -5.85 6.49
HE2 MSE H 17 -17.04 -7.09 6.73
HE3 MSE H 17 -16.69 -5.69 7.37
N ARG H 18 -13.24 -10.73 5.67
CA ARG H 18 -13.40 -12.14 6.03
C ARG H 18 -12.11 -12.77 6.54
N GLU H 19 -10.99 -12.06 6.46
CA GLU H 19 -9.72 -12.56 6.98
C GLU H 19 -9.40 -12.04 8.37
N GLN H 20 -10.24 -11.14 8.91
CA GLN H 20 -10.07 -10.67 10.28
C GLN H 20 -10.60 -11.74 11.23
N LEU H 21 -9.69 -12.48 11.86
CA LEU H 21 -10.04 -13.62 12.68
C LEU H 21 -9.93 -13.27 14.16
N ASP H 22 -10.79 -13.88 14.96
CA ASP H 22 -10.75 -13.71 16.42
C ASP H 22 -9.45 -14.29 16.96
N GLU H 23 -8.82 -13.56 17.87
CA GLU H 23 -7.51 -13.91 18.40
C GLU H 23 -7.56 -15.02 19.45
N VAL H 24 -8.62 -15.83 19.47
CA VAL H 24 -8.72 -16.94 20.42
C VAL H 24 -9.20 -18.18 19.70
N ASP H 25 -10.48 -18.19 19.28
CA ASP H 25 -11.05 -19.33 18.58
C ASP H 25 -10.88 -19.23 17.07
N SER H 26 -10.38 -18.10 16.56
CA SER H 26 -10.06 -17.92 15.14
C SER H 26 -11.30 -17.86 14.25
N HIS H 27 -12.48 -17.57 14.82
CA HIS H 27 -13.65 -17.45 13.97
C HIS H 27 -13.62 -16.12 13.23
N PRO H 28 -13.96 -16.11 11.95
CA PRO H 28 -13.98 -14.83 11.21
C PRO H 28 -14.94 -13.84 11.87
N ARG H 29 -14.45 -12.62 12.10
CA ARG H 29 -15.29 -11.58 12.68
C ARG H 29 -16.44 -11.18 11.76
N THR H 30 -16.44 -11.65 10.52
CA THR H 30 -17.55 -11.45 9.60
C THR H 30 -18.65 -12.51 9.76
N SER H 31 -18.46 -13.48 10.65
CA SER H 31 -19.38 -14.61 10.74
C SER H 31 -20.83 -14.14 10.88
N ILE H 32 -21.11 -13.27 11.85
CA ILE H 32 -22.48 -12.87 12.14
C ILE H 32 -23.00 -11.81 11.19
N PHE H 33 -22.17 -11.32 10.27
CA PHE H 33 -22.57 -10.25 9.35
C PHE H 33 -22.82 -10.74 7.93
N GLU H 34 -22.66 -12.04 7.66
CA GLU H 34 -22.77 -12.52 6.29
C GLU H 34 -24.20 -12.38 5.76
N LYS H 35 -25.19 -12.78 6.56
CA LYS H 35 -26.57 -12.83 6.12
C LYS H 35 -27.48 -12.26 7.20
N LEU H 36 -28.59 -11.67 6.76
CA LEU H 36 -29.60 -11.23 7.71
C LEU H 36 -30.38 -12.43 8.24
N PRO H 37 -30.88 -12.36 9.46
CA PRO H 37 -31.74 -13.45 9.96
C PRO H 37 -33.01 -13.56 9.15
N SER H 38 -33.54 -14.78 9.09
CA SER H 38 -34.84 -14.99 8.46
C SER H 38 -35.93 -14.34 9.31
N LYS H 39 -36.83 -13.60 8.65
CA LYS H 39 -37.81 -12.82 9.39
C LYS H 39 -38.80 -13.71 10.14
N ARG H 40 -39.17 -14.85 9.56
CA ARG H 40 -40.13 -15.72 10.24
C ARG H 40 -39.57 -16.25 11.55
N ASP H 41 -38.30 -16.65 11.56
CA ASP H 41 -37.69 -17.17 12.78
C ASP H 41 -37.26 -16.05 13.73
N TYR H 42 -37.01 -14.86 13.20
CA TYR H 42 -36.50 -13.73 13.99
C TYR H 42 -37.33 -12.49 13.73
N PRO H 43 -38.64 -12.54 13.99
CA PRO H 43 -39.47 -11.36 13.74
C PRO H 43 -39.12 -10.18 14.62
N ASP H 44 -38.67 -10.42 15.84
CA ASP H 44 -38.35 -9.31 16.74
C ASP H 44 -37.20 -8.47 16.20
N TYR H 45 -36.16 -9.13 15.65
CA TYR H 45 -35.00 -8.40 15.17
C TYR H 45 -35.40 -7.28 14.21
N PHE H 46 -36.30 -7.58 13.28
CA PHE H 46 -36.72 -6.60 12.29
C PHE H 46 -37.70 -5.58 12.85
N LYS H 47 -38.19 -5.78 14.07
CA LYS H 47 -38.92 -4.73 14.76
C LYS H 47 -38.00 -3.78 15.51
N VAL H 48 -36.87 -4.30 16.03
CA VAL H 48 -35.87 -3.45 16.66
C VAL H 48 -35.09 -2.65 15.63
N ILE H 49 -34.55 -3.34 14.62
CA ILE H 49 -33.65 -2.75 13.64
C ILE H 49 -34.47 -2.21 12.48
N GLU H 50 -34.38 -0.90 12.24
CA GLU H 50 -35.21 -0.27 11.22
C GLU H 50 -34.60 -0.38 9.83
N LYS H 51 -33.27 -0.43 9.73
CA LYS H 51 -32.57 -0.53 8.46
C LYS H 51 -31.61 -1.72 8.51
N PRO H 52 -32.11 -2.94 8.32
CA PRO H 52 -31.23 -4.11 8.35
C PRO H 52 -30.20 -4.05 7.22
N MSE H 53 -29.03 -4.62 7.49
CA MSE H 53 -27.94 -4.63 6.53
C MSE H 53 -27.00 -5.80 6.78
O MSE H 53 -26.75 -6.16 7.92
CB MSE H 53 -27.17 -3.31 6.59
CG MSE H 53 -26.06 -3.18 5.55
SE MSE H 53 -26.71 -3.34 3.71
CE MSE H 53 -28.01 -1.88 3.72
H MSE H 53 -28.84 -4.99 8.24
HA MSE H 53 -28.31 -4.71 5.64
HB2 MSE H 53 -27.78 -2.58 6.45
HB3 MSE H 53 -26.75 -3.23 7.46
HG2 MSE H 53 -25.63 -2.31 5.63
HG3 MSE H 53 -25.40 -3.89 5.69
HE1 MSE H 53 -28.41 -1.81 2.85
HE2 MSE H 53 -28.70 -2.08 4.38
HE3 MSE H 53 -27.56 -1.06 3.95
N ALA H 54 -26.52 -6.40 5.70
CA ALA H 54 -25.58 -7.52 5.79
C ALA H 54 -24.65 -7.47 4.59
N ILE H 55 -23.63 -8.34 4.62
CA ILE H 55 -22.61 -8.33 3.57
C ILE H 55 -23.24 -8.67 2.22
N ASP H 56 -24.05 -9.73 2.17
CA ASP H 56 -24.60 -10.17 0.89
C ASP H 56 -25.45 -9.07 0.25
N ILE H 57 -26.14 -8.26 1.06
CA ILE H 57 -26.92 -7.16 0.51
C ILE H 57 -25.99 -6.10 -0.08
N ILE H 58 -24.88 -5.81 0.60
CA ILE H 58 -23.95 -4.80 0.09
C ILE H 58 -23.40 -5.22 -1.27
N LEU H 59 -22.91 -6.46 -1.36
CA LEU H 59 -22.40 -6.95 -2.64
C LEU H 59 -23.49 -6.97 -3.70
N LYS H 60 -24.71 -7.33 -3.31
CA LYS H 60 -25.81 -7.35 -4.28
C LYS H 60 -26.15 -5.95 -4.76
N ASN H 61 -26.16 -4.97 -3.85
CA ASN H 61 -26.47 -3.61 -4.24
C ASN H 61 -25.36 -3.02 -5.11
N CYS H 62 -24.12 -3.46 -4.93
CA CYS H 62 -23.03 -2.99 -5.76
C CYS H 62 -23.06 -3.59 -7.15
N LYS H 63 -23.71 -4.75 -7.32
CA LYS H 63 -23.72 -5.42 -8.61
C LYS H 63 -24.92 -5.04 -9.47
N ASN H 64 -26.02 -4.61 -8.87
CA ASN H 64 -27.22 -4.24 -9.60
C ASN H 64 -27.32 -2.75 -9.87
N GLY H 65 -26.37 -1.95 -9.38
CA GLY H 65 -26.39 -0.52 -9.58
C GLY H 65 -26.97 0.29 -8.44
N THR H 66 -27.44 -0.36 -7.38
CA THR H 66 -27.98 0.36 -6.24
C THR H 66 -26.90 1.20 -5.55
N TYR H 67 -25.76 0.58 -5.26
CA TYR H 67 -24.61 1.27 -4.72
C TYR H 67 -23.62 1.53 -5.86
N LYS H 68 -23.30 2.81 -6.08
CA LYS H 68 -22.39 3.21 -7.15
C LYS H 68 -21.19 3.98 -6.65
N THR H 69 -21.08 4.23 -5.34
CA THR H 69 -19.95 4.94 -4.77
C THR H 69 -19.52 4.24 -3.50
N LEU H 70 -18.20 4.26 -3.23
CA LEU H 70 -17.70 3.70 -1.99
C LEU H 70 -18.24 4.41 -0.77
N GLU H 71 -18.64 5.68 -0.92
CA GLU H 71 -19.29 6.37 0.19
C GLU H 71 -20.58 5.67 0.59
N GLU H 72 -21.37 5.24 -0.39
CA GLU H 72 -22.59 4.50 -0.09
C GLU H 72 -22.30 3.16 0.57
N VAL H 73 -21.14 2.56 0.27
CA VAL H 73 -20.75 1.32 0.92
C VAL H 73 -20.35 1.58 2.37
N ARG H 74 -19.52 2.61 2.59
CA ARG H 74 -19.11 2.94 3.95
C ARG H 74 -20.30 3.22 4.83
N GLN H 75 -21.29 3.96 4.32
N GLN H 75 -21.30 3.95 4.33
CA GLN H 75 -22.50 4.23 5.10
CA GLN H 75 -22.50 4.23 5.11
C GLN H 75 -23.25 2.94 5.41
C GLN H 75 -23.27 2.96 5.41
N ALA H 76 -23.37 2.05 4.43
CA ALA H 76 -24.05 0.78 4.66
C ALA H 76 -23.32 -0.04 5.73
N LEU H 77 -21.99 -0.01 5.72
CA LEU H 77 -21.23 -0.71 6.75
C LEU H 77 -21.43 -0.05 8.11
N GLN H 78 -21.43 1.28 8.16
N GLN H 78 -21.44 1.28 8.16
CA GLN H 78 -21.67 1.99 9.41
CA GLN H 78 -21.66 1.97 9.43
C GLN H 78 -23.01 1.57 10.01
C GLN H 78 -23.01 1.58 10.02
N THR H 79 -24.06 1.54 9.20
CA THR H 79 -25.37 1.13 9.69
C THR H 79 -25.34 -0.31 10.17
N MSE H 80 -24.60 -1.17 9.48
CA MSE H 80 -24.50 -2.58 9.84
C MSE H 80 -23.90 -2.74 11.24
O MSE H 80 -24.39 -3.53 12.05
CB MSE H 80 -23.65 -3.33 8.82
CG MSE H 80 -23.67 -4.84 8.97
SE MSE H 80 -22.58 -5.72 7.63
CE MSE H 80 -20.83 -5.23 8.31
H MSE H 80 -24.14 -0.96 8.78
HA MSE H 80 -25.39 -2.97 9.85
HB2 MSE H 80 -23.98 -3.11 7.94
HB3 MSE H 80 -22.73 -3.04 8.91
HG2 MSE H 80 -23.33 -5.07 9.85
HG3 MSE H 80 -24.59 -5.15 8.88
HE1 MSE H 80 -20.14 -5.59 7.71
HE2 MSE H 80 -20.75 -4.26 8.35
HE3 MSE H 80 -20.71 -5.60 9.20
N PHE H 81 -22.85 -1.98 11.52
CA PHE H 81 -22.18 -2.08 12.82
C PHE H 81 -23.00 -1.42 13.93
N GLU H 82 -23.68 -0.31 13.60
CA GLU H 82 -24.53 0.33 14.60
C GLU H 82 -25.70 -0.59 14.98
N ASN H 83 -26.25 -1.32 14.02
CA ASN H 83 -27.32 -2.25 14.32
C ASN H 83 -26.85 -3.35 15.27
N ALA H 84 -25.66 -3.90 15.02
CA ALA H 84 -25.13 -4.95 15.89
C ALA H 84 -24.91 -4.44 17.31
N ARG H 85 -24.30 -3.26 17.43
CA ARG H 85 -24.04 -2.71 18.75
C ARG H 85 -25.33 -2.30 19.47
N PHE H 86 -26.37 -1.94 18.71
CA PHE H 86 -27.63 -1.59 19.34
C PHE H 86 -28.37 -2.82 19.85
N TYR H 87 -28.38 -3.90 19.06
CA TYR H 87 -29.21 -5.05 19.38
C TYR H 87 -28.52 -5.98 20.37
N ASN H 88 -27.21 -6.16 20.27
CA ASN H 88 -26.48 -7.10 21.10
C ASN H 88 -25.95 -6.42 22.36
N GLU H 89 -25.80 -7.22 23.42
CA GLU H 89 -25.33 -6.70 24.69
C GLU H 89 -23.87 -6.26 24.59
N GLU H 90 -23.56 -5.13 25.22
CA GLU H 90 -22.18 -4.67 25.28
C GLU H 90 -21.33 -5.70 26.01
N GLY H 91 -20.19 -6.04 25.42
CA GLY H 91 -19.32 -7.07 25.94
C GLY H 91 -19.54 -8.45 25.34
N SER H 92 -20.69 -8.69 24.73
CA SER H 92 -20.94 -9.97 24.07
C SER H 92 -20.06 -10.11 22.84
N TRP H 93 -19.82 -11.36 22.42
CA TRP H 93 -18.88 -11.60 21.34
C TRP H 93 -19.35 -10.99 20.02
N VAL H 94 -20.66 -10.86 19.83
CA VAL H 94 -21.16 -10.17 18.64
C VAL H 94 -20.86 -8.68 18.73
N TYR H 95 -21.02 -8.10 19.91
CA TYR H 95 -20.67 -6.69 20.09
C TYR H 95 -19.19 -6.46 19.85
N VAL H 96 -18.34 -7.37 20.32
CA VAL H 96 -16.90 -7.21 20.14
C VAL H 96 -16.52 -7.33 18.68
N ASP H 97 -17.08 -8.32 17.97
CA ASP H 97 -16.79 -8.47 16.55
C ASP H 97 -17.17 -7.21 15.78
N ALA H 98 -18.26 -6.56 16.18
CA ALA H 98 -18.68 -5.33 15.50
C ALA H 98 -17.63 -4.24 15.68
N ASP H 99 -17.18 -4.01 16.92
CA ASP H 99 -16.19 -2.96 17.16
C ASP H 99 -14.88 -3.29 16.45
N LYS H 100 -14.39 -4.52 16.60
CA LYS H 100 -13.10 -4.88 16.03
C LYS H 100 -13.15 -4.85 14.51
N LEU H 101 -14.25 -5.32 13.91
CA LEU H 101 -14.35 -5.29 12.45
C LEU H 101 -14.58 -3.87 11.95
N ASN H 102 -15.42 -3.11 12.64
CA ASN H 102 -15.60 -1.70 12.26
C ASN H 102 -14.28 -0.93 12.35
N GLU H 103 -13.40 -1.33 13.28
CA GLU H 103 -12.08 -0.74 13.33
C GLU H 103 -11.30 -1.02 12.05
N PHE H 104 -11.44 -2.22 11.51
CA PHE H 104 -10.74 -2.57 10.28
C PHE H 104 -11.29 -1.77 9.09
N THR H 105 -12.61 -1.75 8.92
CA THR H 105 -13.20 -1.01 7.81
C THR H 105 -12.83 0.47 7.89
N ASP H 106 -12.91 1.05 9.10
CA ASP H 106 -12.46 2.43 9.27
C ASP H 106 -11.05 2.61 8.74
N GLU H 107 -10.17 1.67 9.05
CA GLU H 107 -8.79 1.76 8.58
C GLU H 107 -8.70 1.56 7.07
N TRP H 108 -9.56 0.71 6.50
CA TRP H 108 -9.52 0.48 5.06
C TRP H 108 -9.89 1.74 4.28
N PHE H 109 -10.93 2.46 4.74
CA PHE H 109 -11.32 3.68 4.06
C PHE H 109 -10.32 4.81 4.25
N LYS H 110 -9.42 4.69 5.23
CA LYS H 110 -8.33 5.66 5.35
C LYS H 110 -7.34 5.52 4.22
N GLU H 111 -7.00 4.28 3.86
CA GLU H 111 -5.97 4.05 2.86
C GLU H 111 -6.49 4.26 1.44
N HIS H 112 -7.77 3.96 1.20
CA HIS H 112 -8.31 4.12 -0.16
C HIS H 112 -8.48 5.59 -0.52
N SER H 113 -8.92 6.41 0.44
CA SER H 113 -9.08 7.84 0.19
C SER H 113 -7.76 8.60 0.19
N SER H 114 -6.68 7.97 0.64
CA SER H 114 -5.36 8.61 0.62
C SER H 114 -4.26 7.58 0.92
MG MG I . -7.96 12.30 1.05
#